data_2WI9
#
_entry.id   2WI9
#
_cell.length_a   60.254
_cell.length_b   109.094
_cell.length_c   153.244
_cell.angle_alpha   90.00
_cell.angle_beta   90.00
_cell.angle_gamma   90.00
#
_symmetry.space_group_name_H-M   'P 21 21 21'
#
loop_
_entity.id
_entity.type
_entity.pdbx_description
1 polymer 'CYTOCHROME P450 HYDROXYLASE PIKC'
2 non-polymer 'PROTOPORPHYRIN IX CONTAINING FE'
3 non-polymer 'CYCLODODECYL 3,4,6-TRIDEOXY-3-(DIMETHYLAMINO)-BETA-D-XYLO-HEXOPYRANOSIDE'
4 non-polymer 'SULFATE ION'
5 water water
#
_entity_poly.entity_id   1
_entity_poly.type   'polypeptide(L)'
_entity_poly.pdbx_seq_one_letter_code
;MGSSHHHHHHSSGLVPAGSHMRRTQQGTTASPPVLDLGALGQDFAADPYPTYARLRAEGPAHRVRTPEGNEVWLVVGYDR
ARAVLADPRFSKDWRNSTTPLTEAEAALNHNMLESDPPRHTRLRKLVAREFTMRRVELLRPRVQEIVDGLVDAMLAAPDG
RADLMESLAWPLPITVISELLGVPEPDRAAFRVWTDAFVFPDDPAQAQTAMAEMSGYLSRLIDSKRGQDGEDLLSALVRT
SDEDGSRLTSEELLGMAHILLVAGHETTVNLIANGMYALLSHPDQLAALRADMTLLDGAVEEMLRYEGPVESATYRFPVE
PVDLDGTVIPAGDTVLVVLADAHRTPERFPDPHRFDIRRDTAGHLAFGHGIHFCIGAPLARLEARIAVRALLERCPDLAL
DVSPGELVWYPNPMIRGLKALPIRWRRGREAGRRTG
;
_entity_poly.pdbx_strand_id   A,B
#
# COMPACT_ATOMS: atom_id res chain seq x y z
N PRO A 32 -15.10 -29.28 9.97
CA PRO A 32 -14.49 -27.96 9.62
C PRO A 32 -15.12 -26.81 10.44
N PRO A 33 -14.33 -26.13 11.32
CA PRO A 33 -14.89 -25.08 12.19
C PRO A 33 -15.62 -23.97 11.42
N VAL A 34 -16.05 -22.94 12.13
CA VAL A 34 -16.59 -21.78 11.45
C VAL A 34 -15.48 -20.73 11.40
N LEU A 35 -15.07 -20.34 10.20
CA LEU A 35 -14.03 -19.32 10.09
C LEU A 35 -14.58 -17.97 10.52
N ASP A 36 -13.99 -17.40 11.57
CA ASP A 36 -14.44 -16.11 12.08
C ASP A 36 -13.74 -14.93 11.39
N LEU A 37 -14.51 -14.14 10.67
CA LEU A 37 -14.01 -13.00 9.91
C LEU A 37 -13.90 -11.70 10.75
N GLY A 38 -14.66 -11.63 11.84
CA GLY A 38 -14.46 -10.61 12.87
C GLY A 38 -13.13 -10.76 13.60
N ALA A 39 -12.69 -12.01 13.78
CA ALA A 39 -11.39 -12.35 14.39
C ALA A 39 -10.16 -11.89 13.59
N LEU A 40 -10.29 -11.82 12.26
CA LEU A 40 -9.17 -11.61 11.31
C LEU A 40 -8.18 -10.41 11.45
N GLY A 41 -8.57 -9.21 11.88
CA GLY A 41 -9.93 -8.68 11.95
C GLY A 41 -10.37 -7.96 10.67
N GLN A 42 -9.53 -7.11 10.05
CA GLN A 42 -8.23 -6.57 10.56
C GLN A 42 -7.79 -5.28 9.83
N ASP A 43 -7.10 -5.25 8.67
CA ASP A 43 -6.46 -6.34 7.81
C ASP A 43 -7.33 -7.08 6.77
N PHE A 44 -8.34 -7.79 7.26
CA PHE A 44 -9.33 -8.38 6.39
C PHE A 44 -10.15 -7.28 5.70
N ALA A 45 -10.33 -6.14 6.36
CA ALA A 45 -11.00 -4.94 5.78
C ALA A 45 -10.21 -4.34 4.61
N ALA A 46 -8.90 -4.21 4.80
CA ALA A 46 -7.97 -3.70 3.76
C ALA A 46 -7.91 -4.60 2.51
N ASP A 47 -7.73 -5.91 2.74
CA ASP A 47 -7.47 -6.93 1.71
C ASP A 47 -8.07 -8.32 2.13
N PRO A 48 -9.33 -8.56 1.77
CA PRO A 48 -10.04 -9.81 2.11
C PRO A 48 -9.73 -10.99 1.17
N TYR A 49 -9.16 -10.67 0.00
CA TYR A 49 -9.05 -11.61 -1.12
C TYR A 49 -8.28 -12.92 -0.83
N PRO A 50 -7.09 -12.86 -0.15
CA PRO A 50 -6.35 -14.12 0.10
C PRO A 50 -7.16 -15.11 0.93
N THR A 51 -7.96 -14.57 1.88
CA THR A 51 -8.89 -15.39 2.69
C THR A 51 -9.79 -16.22 1.73
N TYR A 52 -10.51 -15.51 0.82
CA TYR A 52 -11.42 -16.14 -0.14
C TYR A 52 -10.72 -17.20 -1.02
N ALA A 53 -9.55 -16.85 -1.53
CA ALA A 53 -8.78 -17.75 -2.40
C ALA A 53 -8.33 -18.97 -1.61
N ARG A 54 -7.91 -18.69 -0.37
CA ARG A 54 -7.62 -19.77 0.56
C ARG A 54 -8.83 -20.73 0.60
N LEU A 55 -10.05 -20.24 0.89
CA LEU A 55 -11.21 -21.17 0.83
C LEU A 55 -11.47 -21.86 -0.52
N ARG A 56 -11.38 -21.13 -1.65
CA ARG A 56 -11.74 -21.72 -2.96
C ARG A 56 -10.92 -22.98 -3.24
N ALA A 57 -9.69 -22.97 -2.74
CA ALA A 57 -8.73 -24.09 -2.88
C ALA A 57 -9.32 -25.40 -2.38
N GLU A 58 -9.90 -25.36 -1.16
CA GLU A 58 -10.60 -26.50 -0.52
C GLU A 58 -11.82 -26.87 -1.32
N GLY A 59 -12.77 -25.95 -1.41
CA GLY A 59 -13.96 -26.25 -2.20
C GLY A 59 -14.87 -25.04 -2.34
N PRO A 60 -16.03 -25.23 -2.99
CA PRO A 60 -16.89 -24.06 -3.32
C PRO A 60 -17.66 -23.42 -2.15
N ALA A 61 -17.95 -24.15 -1.06
CA ALA A 61 -18.95 -23.68 -0.05
C ALA A 61 -18.49 -23.81 1.41
N HIS A 62 -18.63 -22.75 2.20
CA HIS A 62 -17.95 -22.62 3.49
C HIS A 62 -18.74 -21.84 4.55
N ARG A 63 -18.88 -22.44 5.74
CA ARG A 63 -19.53 -21.77 6.87
C ARG A 63 -18.62 -20.71 7.47
N VAL A 64 -19.13 -19.53 7.72
CA VAL A 64 -18.31 -18.49 8.32
C VAL A 64 -19.15 -17.69 9.31
N ARG A 65 -18.51 -16.78 10.06
CA ARG A 65 -19.21 -15.80 10.89
C ARG A 65 -18.72 -14.41 10.55
N THR A 66 -19.62 -13.51 10.20
CA THR A 66 -19.19 -12.19 9.70
C THR A 66 -18.53 -11.33 10.81
N PRO A 67 -17.89 -10.18 10.42
CA PRO A 67 -17.55 -9.17 11.44
C PRO A 67 -18.77 -8.79 12.28
N GLU A 68 -19.94 -8.61 11.64
CA GLU A 68 -21.25 -8.45 12.34
C GLU A 68 -21.60 -9.64 13.27
N GLY A 69 -21.17 -10.85 12.90
CA GLY A 69 -21.38 -12.01 13.74
C GLY A 69 -22.45 -12.99 13.33
N ASN A 70 -22.80 -13.12 12.05
CA ASN A 70 -23.79 -14.12 11.64
C ASN A 70 -23.24 -15.36 10.95
N GLU A 71 -23.84 -16.50 11.21
CA GLU A 71 -23.47 -17.78 10.56
C GLU A 71 -24.09 -17.97 9.15
N VAL A 72 -23.26 -17.77 8.12
CA VAL A 72 -23.69 -17.89 6.73
C VAL A 72 -22.79 -18.83 5.99
N TRP A 73 -23.23 -19.26 4.83
CA TRP A 73 -22.37 -19.95 3.88
C TRP A 73 -21.81 -18.95 2.84
N LEU A 74 -20.56 -19.14 2.48
CA LEU A 74 -19.95 -18.39 1.42
C LEU A 74 -19.87 -19.35 0.25
N VAL A 75 -20.12 -18.85 -0.97
CA VAL A 75 -19.87 -19.64 -2.15
C VAL A 75 -18.75 -18.95 -2.92
N VAL A 76 -17.68 -19.71 -3.20
CA VAL A 76 -16.45 -19.14 -3.81
C VAL A 76 -16.12 -19.84 -5.16
N GLY A 77 -15.34 -19.13 -5.99
CA GLY A 77 -14.90 -19.67 -7.30
C GLY A 77 -15.88 -19.30 -8.38
N TYR A 78 -15.38 -18.86 -9.54
CA TYR A 78 -16.20 -18.26 -10.58
C TYR A 78 -17.37 -19.12 -11.06
N ASP A 79 -17.02 -20.31 -11.57
CA ASP A 79 -18.00 -21.17 -12.17
C ASP A 79 -19.18 -21.48 -11.21
N ARG A 80 -18.84 -21.76 -9.98
CA ARG A 80 -19.84 -22.08 -8.98
C ARG A 80 -20.63 -20.80 -8.54
N ALA A 81 -19.94 -19.68 -8.38
CA ALA A 81 -20.61 -18.42 -8.07
C ALA A 81 -21.60 -18.09 -9.17
N ARG A 82 -21.16 -18.18 -10.44
CA ARG A 82 -22.06 -17.89 -11.56
C ARG A 82 -23.34 -18.76 -11.56
N ALA A 83 -23.15 -20.06 -11.36
CA ALA A 83 -24.24 -21.03 -11.36
C ALA A 83 -25.24 -20.77 -10.23
N VAL A 84 -24.74 -20.63 -9.01
CA VAL A 84 -25.59 -20.36 -7.84
C VAL A 84 -26.45 -19.05 -8.00
N LEU A 85 -25.86 -18.01 -8.62
CA LEU A 85 -26.60 -16.72 -8.83
C LEU A 85 -27.87 -16.99 -9.60
N ALA A 86 -27.75 -17.84 -10.60
CA ALA A 86 -28.89 -18.08 -11.46
C ALA A 86 -29.65 -19.41 -11.16
N ASP A 87 -29.31 -20.13 -10.08
CA ASP A 87 -29.93 -21.43 -9.78
C ASP A 87 -31.28 -21.23 -9.04
N PRO A 88 -32.43 -21.62 -9.64
CA PRO A 88 -33.67 -21.34 -8.84
C PRO A 88 -33.86 -22.26 -7.61
N ARG A 89 -32.91 -23.15 -7.32
CA ARG A 89 -32.96 -23.78 -6.02
C ARG A 89 -32.56 -22.83 -4.84
N PHE A 90 -31.91 -21.70 -5.15
CA PHE A 90 -31.48 -20.77 -4.14
C PHE A 90 -32.48 -19.59 -4.25
N SER A 91 -33.36 -19.51 -3.25
CA SER A 91 -34.46 -18.51 -3.21
C SER A 91 -33.96 -17.19 -2.66
N LYS A 92 -34.69 -16.14 -2.99
CA LYS A 92 -34.43 -14.84 -2.40
C LYS A 92 -35.58 -14.38 -1.48
N ASP A 93 -36.62 -15.21 -1.42
CA ASP A 93 -37.81 -14.90 -0.59
C ASP A 93 -37.57 -15.26 0.85
N TRP A 94 -37.72 -14.30 1.77
CA TRP A 94 -37.45 -14.61 3.18
C TRP A 94 -38.36 -15.70 3.83
N ARG A 95 -39.46 -16.04 3.16
CA ARG A 95 -40.38 -17.15 3.60
C ARG A 95 -39.60 -18.45 3.61
N ASN A 96 -38.50 -18.51 2.81
CA ASN A 96 -37.69 -19.72 2.63
C ASN A 96 -36.50 -19.75 3.54
N SER A 97 -36.33 -18.70 4.34
CA SER A 97 -35.21 -18.55 5.23
C SER A 97 -35.60 -18.90 6.66
N THR A 98 -34.68 -19.49 7.42
CA THR A 98 -34.90 -19.77 8.84
C THR A 98 -34.47 -18.65 9.72
N THR A 99 -33.92 -17.57 9.14
CA THR A 99 -33.49 -16.41 9.88
C THR A 99 -34.69 -15.49 10.07
N PRO A 100 -34.92 -15.09 11.30
CA PRO A 100 -35.96 -14.15 11.69
C PRO A 100 -35.72 -12.71 11.20
N LEU A 101 -36.79 -11.98 10.86
CA LEU A 101 -36.67 -10.53 10.57
C LEU A 101 -37.20 -9.67 11.68
N THR A 102 -36.53 -8.54 11.90
CA THR A 102 -37.14 -7.48 12.72
C THR A 102 -38.31 -6.87 11.98
N GLU A 103 -39.13 -6.15 12.74
CA GLU A 103 -40.25 -5.51 12.15
C GLU A 103 -39.77 -4.47 11.11
N ALA A 104 -38.68 -3.77 11.39
CA ALA A 104 -38.15 -2.76 10.52
C ALA A 104 -37.61 -3.35 9.20
N GLU A 105 -36.96 -4.52 9.30
CA GLU A 105 -36.52 -5.24 8.11
C GLU A 105 -37.70 -5.71 7.26
N ALA A 106 -38.70 -6.29 7.90
CA ALA A 106 -39.84 -6.80 7.18
C ALA A 106 -40.63 -5.75 6.43
N ALA A 107 -40.76 -4.55 6.97
CA ALA A 107 -41.47 -3.47 6.36
C ALA A 107 -40.96 -3.12 4.95
N LEU A 108 -39.69 -3.41 4.73
CA LEU A 108 -38.95 -3.01 3.51
C LEU A 108 -38.70 -4.15 2.51
N ASN A 109 -39.06 -5.37 2.86
CA ASN A 109 -38.67 -6.50 2.01
C ASN A 109 -39.60 -6.95 0.90
N HIS A 110 -40.73 -6.27 0.71
CA HIS A 110 -41.58 -6.55 -0.43
C HIS A 110 -41.04 -5.87 -1.70
N ASN A 111 -39.86 -6.32 -2.17
CA ASN A 111 -39.26 -5.70 -3.37
C ASN A 111 -38.73 -6.80 -4.31
N MET A 112 -38.45 -6.45 -5.57
CA MET A 112 -38.21 -7.54 -6.54
C MET A 112 -36.94 -8.34 -6.14
N LEU A 113 -35.99 -7.70 -5.45
CA LEU A 113 -34.75 -8.40 -5.15
C LEU A 113 -34.96 -9.47 -4.07
N GLU A 114 -35.96 -9.31 -3.22
CA GLU A 114 -36.15 -10.29 -2.14
C GLU A 114 -37.41 -11.08 -2.46
N SER A 115 -37.54 -11.42 -3.73
N SER A 115 -37.50 -11.53 -3.69
CA SER A 115 -38.68 -12.16 -4.25
CA SER A 115 -38.68 -12.24 -4.17
C SER A 115 -38.21 -13.23 -5.23
C SER A 115 -38.33 -13.10 -5.35
N ASP A 116 -39.10 -14.17 -5.49
CA ASP A 116 -38.95 -15.15 -6.56
C ASP A 116 -40.13 -14.95 -7.53
N PRO A 117 -40.08 -15.57 -8.68
CA PRO A 117 -41.22 -15.64 -9.57
C PRO A 117 -42.37 -16.38 -8.80
N PRO A 118 -43.63 -15.96 -9.01
CA PRO A 118 -44.06 -14.98 -9.99
C PRO A 118 -44.02 -13.53 -9.45
N ARG A 119 -43.90 -13.35 -8.17
CA ARG A 119 -43.88 -11.95 -7.68
C ARG A 119 -42.72 -11.14 -8.29
N HIS A 120 -41.56 -11.78 -8.46
CA HIS A 120 -40.41 -11.06 -8.97
C HIS A 120 -40.72 -10.60 -10.38
N THR A 121 -41.33 -11.50 -11.13
CA THR A 121 -41.66 -11.23 -12.52
C THR A 121 -42.58 -10.03 -12.62
N ARG A 122 -43.59 -10.02 -11.76
CA ARG A 122 -44.66 -8.97 -11.84
C ARG A 122 -44.02 -7.65 -11.41
N LEU A 123 -43.21 -7.68 -10.34
CA LEU A 123 -42.65 -6.38 -9.88
C LEU A 123 -41.70 -5.76 -10.87
N ARG A 124 -40.78 -6.58 -11.44
CA ARG A 124 -39.79 -6.01 -12.31
C ARG A 124 -40.42 -5.42 -13.56
N LYS A 125 -41.52 -6.05 -14.05
CA LYS A 125 -42.18 -5.59 -15.26
C LYS A 125 -42.72 -4.18 -15.13
N LEU A 126 -43.09 -3.83 -13.90
CA LEU A 126 -43.61 -2.50 -13.63
C LEU A 126 -42.57 -1.35 -13.91
N VAL A 127 -41.27 -1.65 -13.88
CA VAL A 127 -40.26 -0.58 -14.05
C VAL A 127 -39.16 -0.90 -15.06
N ALA A 128 -39.20 -2.11 -15.70
CA ALA A 128 -38.16 -2.46 -16.68
C ALA A 128 -38.06 -1.41 -17.82
N ARG A 129 -39.19 -0.85 -18.26
CA ARG A 129 -39.14 0.15 -19.35
C ARG A 129 -38.37 1.41 -18.95
N GLU A 130 -38.30 1.71 -17.65
CA GLU A 130 -37.69 2.99 -17.20
C GLU A 130 -36.14 2.96 -17.28
N PHE A 131 -35.59 1.78 -17.42
CA PHE A 131 -34.19 1.56 -17.12
C PHE A 131 -33.44 0.92 -18.28
N THR A 132 -34.14 0.74 -19.42
CA THR A 132 -33.44 0.23 -20.62
C THR A 132 -32.32 1.21 -21.04
N MET A 133 -31.34 0.70 -21.81
CA MET A 133 -30.25 1.54 -22.34
C MET A 133 -30.79 2.77 -23.06
N ARG A 134 -31.79 2.57 -23.90
CA ARG A 134 -32.32 3.69 -24.68
C ARG A 134 -33.04 4.76 -23.81
N ARG A 135 -33.81 4.35 -22.81
CA ARG A 135 -34.47 5.35 -21.92
C ARG A 135 -33.41 6.05 -21.08
N VAL A 136 -32.42 5.26 -20.65
CA VAL A 136 -31.29 5.85 -19.88
C VAL A 136 -30.47 6.84 -20.70
N GLU A 137 -30.30 6.54 -21.99
CA GLU A 137 -29.53 7.41 -22.86
C GLU A 137 -30.11 8.82 -22.90
N LEU A 138 -31.43 8.93 -22.91
CA LEU A 138 -32.05 10.27 -22.78
C LEU A 138 -31.61 11.08 -21.53
N LEU A 139 -31.05 10.43 -20.51
CA LEU A 139 -30.68 11.20 -19.31
C LEU A 139 -29.29 11.78 -19.50
N ARG A 140 -28.59 11.39 -20.57
CA ARG A 140 -27.14 11.78 -20.70
C ARG A 140 -26.90 13.31 -20.54
N PRO A 141 -27.65 14.19 -21.28
CA PRO A 141 -27.46 15.65 -21.07
C PRO A 141 -27.57 16.05 -19.62
N ARG A 142 -28.61 15.58 -18.95
CA ARG A 142 -28.70 15.98 -17.58
C ARG A 142 -27.59 15.44 -16.69
N VAL A 143 -27.14 14.19 -16.93
CA VAL A 143 -26.11 13.56 -16.06
C VAL A 143 -24.82 14.38 -16.30
N GLN A 144 -24.58 14.72 -17.55
CA GLN A 144 -23.41 15.47 -17.96
C GLN A 144 -23.42 16.81 -17.30
N GLU A 145 -24.62 17.38 -17.20
CA GLU A 145 -24.77 18.67 -16.57
C GLU A 145 -24.51 18.60 -15.04
N ILE A 146 -24.93 17.52 -14.40
CA ILE A 146 -24.73 17.39 -12.94
C ILE A 146 -23.23 17.25 -12.62
N VAL A 147 -22.55 16.41 -13.41
CA VAL A 147 -21.12 16.15 -13.26
C VAL A 147 -20.28 17.43 -13.54
N ASP A 148 -20.53 18.08 -14.68
CA ASP A 148 -19.95 19.40 -14.98
C ASP A 148 -19.98 20.34 -13.79
N GLY A 149 -21.12 20.42 -13.10
CA GLY A 149 -21.28 21.34 -12.02
C GLY A 149 -20.56 20.90 -10.77
N LEU A 150 -20.54 19.59 -10.55
CA LEU A 150 -19.90 19.08 -9.35
C LEU A 150 -18.37 19.25 -9.41
N VAL A 151 -17.82 19.00 -10.60
CA VAL A 151 -16.40 19.20 -10.88
C VAL A 151 -16.05 20.70 -10.85
N ASP A 152 -16.81 21.56 -11.58
CA ASP A 152 -16.65 23.03 -11.36
C ASP A 152 -16.46 23.32 -9.89
N ALA A 153 -17.39 22.86 -9.06
CA ALA A 153 -17.35 23.17 -7.65
C ALA A 153 -16.10 22.56 -7.00
N MET A 154 -15.69 21.41 -7.50
CA MET A 154 -14.56 20.73 -6.91
C MET A 154 -13.27 21.54 -7.19
N LEU A 155 -13.14 21.94 -8.45
CA LEU A 155 -11.98 22.61 -9.00
C LEU A 155 -11.78 24.01 -8.44
N ALA A 156 -12.80 24.56 -7.76
CA ALA A 156 -12.68 25.88 -7.14
C ALA A 156 -11.89 25.80 -5.82
N ALA A 157 -11.54 24.61 -5.36
CA ALA A 157 -10.75 24.52 -4.12
C ALA A 157 -9.36 25.20 -4.34
N PRO A 158 -9.00 26.19 -3.48
CA PRO A 158 -7.77 27.00 -3.68
C PRO A 158 -6.51 26.12 -3.66
N ASP A 159 -6.48 25.13 -2.78
CA ASP A 159 -5.31 24.27 -2.66
C ASP A 159 -5.30 23.11 -3.70
N GLY A 160 -6.30 23.02 -4.56
CA GLY A 160 -6.30 21.93 -5.55
C GLY A 160 -6.33 20.51 -4.92
N ARG A 161 -6.98 20.41 -3.77
CA ARG A 161 -7.15 19.15 -3.06
C ARG A 161 -8.66 18.88 -2.75
N ALA A 162 -9.11 17.63 -2.86
CA ALA A 162 -10.51 17.32 -2.53
C ALA A 162 -10.63 15.94 -2.00
N ASP A 163 -11.76 15.66 -1.33
CA ASP A 163 -12.17 14.30 -1.10
C ASP A 163 -13.15 13.92 -2.23
N LEU A 164 -12.76 12.94 -3.03
CA LEU A 164 -13.58 12.64 -4.19
C LEU A 164 -14.97 12.05 -3.80
N MET A 165 -15.04 11.35 -2.66
N MET A 165 -15.08 11.33 -2.67
CA MET A 165 -16.29 10.77 -2.16
CA MET A 165 -16.41 10.85 -2.28
C MET A 165 -17.35 11.87 -1.92
C MET A 165 -17.34 12.05 -2.16
N GLU A 166 -16.93 12.97 -1.29
CA GLU A 166 -17.77 14.07 -0.96
C GLU A 166 -18.05 14.92 -2.16
N SER A 167 -17.07 15.14 -3.01
CA SER A 167 -17.27 16.15 -4.07
C SER A 167 -18.01 15.60 -5.29
N LEU A 168 -17.92 14.28 -5.46
CA LEU A 168 -18.45 13.71 -6.68
C LEU A 168 -19.08 12.30 -6.56
N ALA A 169 -18.36 11.32 -5.98
CA ALA A 169 -18.87 9.94 -5.94
C ALA A 169 -20.23 9.84 -5.26
N TRP A 170 -20.44 10.52 -4.13
N TRP A 170 -20.43 10.54 -4.14
CA TRP A 170 -21.72 10.49 -3.47
CA TRP A 170 -21.67 10.49 -3.40
C TRP A 170 -22.78 11.37 -4.15
C TRP A 170 -22.80 11.39 -3.97
N PRO A 171 -22.50 12.68 -4.32
CA PRO A 171 -23.61 13.52 -4.77
C PRO A 171 -24.15 13.21 -6.17
N LEU A 172 -23.33 12.68 -7.08
CA LEU A 172 -23.83 12.40 -8.40
C LEU A 172 -24.99 11.35 -8.41
N PRO A 173 -24.78 10.13 -7.84
CA PRO A 173 -25.84 9.09 -7.95
C PRO A 173 -27.08 9.55 -7.22
N ILE A 174 -26.94 10.09 -6.02
CA ILE A 174 -28.13 10.53 -5.29
C ILE A 174 -28.91 11.60 -6.04
N THR A 175 -28.23 12.47 -6.77
CA THR A 175 -28.93 13.54 -7.47
C THR A 175 -29.73 12.99 -8.66
N VAL A 176 -29.08 12.12 -9.43
CA VAL A 176 -29.74 11.46 -10.58
C VAL A 176 -30.98 10.66 -10.14
N ILE A 177 -30.86 9.85 -9.07
CA ILE A 177 -31.93 8.91 -8.68
C ILE A 177 -33.07 9.69 -7.99
N SER A 178 -32.71 10.72 -7.21
CA SER A 178 -33.67 11.65 -6.60
C SER A 178 -34.54 12.41 -7.61
N GLU A 179 -33.96 12.91 -8.72
CA GLU A 179 -34.72 13.50 -9.79
C GLU A 179 -35.66 12.50 -10.46
N LEU A 180 -35.14 11.31 -10.78
N LEU A 180 -35.14 11.32 -10.80
CA LEU A 180 -35.94 10.23 -11.42
CA LEU A 180 -35.94 10.23 -11.41
C LEU A 180 -37.20 9.88 -10.62
C LEU A 180 -37.19 9.90 -10.61
N LEU A 181 -37.01 9.71 -9.31
CA LEU A 181 -38.02 9.24 -8.44
C LEU A 181 -38.73 10.38 -7.75
N GLY A 182 -38.33 11.62 -7.95
CA GLY A 182 -39.00 12.72 -7.23
C GLY A 182 -38.78 12.85 -5.71
N VAL A 183 -37.56 12.70 -5.24
CA VAL A 183 -37.25 13.02 -3.83
C VAL A 183 -36.85 14.49 -3.75
N PRO A 184 -37.57 15.33 -2.96
CA PRO A 184 -37.20 16.74 -2.92
C PRO A 184 -35.76 17.02 -2.45
N GLU A 185 -35.09 17.89 -3.17
CA GLU A 185 -33.72 18.33 -2.81
C GLU A 185 -33.49 18.51 -1.26
N PRO A 186 -34.42 19.14 -0.54
CA PRO A 186 -34.10 19.26 0.90
C PRO A 186 -34.09 17.97 1.69
N ASP A 187 -34.65 16.90 1.12
CA ASP A 187 -34.89 15.65 1.85
C ASP A 187 -33.66 14.73 1.68
N ARG A 188 -32.77 15.04 0.77
CA ARG A 188 -31.77 14.08 0.36
C ARG A 188 -30.61 13.83 1.31
N ALA A 189 -30.25 14.86 2.10
CA ALA A 189 -29.11 14.79 3.03
C ALA A 189 -29.30 13.63 4.03
N ALA A 190 -30.47 13.53 4.66
CA ALA A 190 -30.83 12.29 5.39
C ALA A 190 -30.40 10.91 4.79
N PHE A 191 -30.43 10.76 3.46
CA PHE A 191 -30.04 9.47 2.85
C PHE A 191 -28.54 9.13 2.98
N ARG A 192 -27.62 10.07 2.81
CA ARG A 192 -26.24 9.73 3.17
C ARG A 192 -26.17 9.30 4.67
N VAL A 193 -27.02 9.88 5.52
CA VAL A 193 -27.03 9.44 6.90
C VAL A 193 -27.60 8.02 6.99
N TRP A 194 -28.76 7.76 6.42
CA TRP A 194 -29.31 6.44 6.56
C TRP A 194 -28.42 5.33 5.92
N THR A 195 -27.71 5.64 4.83
CA THR A 195 -26.92 4.61 4.17
C THR A 195 -25.60 4.35 4.93
N ASP A 196 -24.91 5.41 5.36
CA ASP A 196 -23.80 5.20 6.32
C ASP A 196 -24.38 4.51 7.59
N ALA A 197 -25.57 3.89 7.44
CA ALA A 197 -26.23 3.09 8.48
C ALA A 197 -26.89 1.76 7.98
N PHE A 198 -27.85 1.82 7.02
CA PHE A 198 -28.41 0.58 6.46
CA PHE A 198 -28.45 0.62 6.41
C PHE A 198 -27.22 -0.19 5.98
N VAL A 199 -26.66 0.21 4.84
CA VAL A 199 -25.51 -0.45 4.27
C VAL A 199 -24.35 -0.64 5.27
N PHE A 200 -23.71 0.43 5.75
CA PHE A 200 -22.56 0.26 6.66
C PHE A 200 -22.91 0.79 8.04
N PRO A 201 -23.36 -0.08 8.99
CA PRO A 201 -23.66 0.41 10.35
C PRO A 201 -22.45 0.92 11.13
N ASP A 202 -22.48 0.66 12.44
CA ASP A 202 -21.48 1.10 13.41
C ASP A 202 -22.01 0.73 14.78
N ASP A 203 -23.16 0.02 14.77
CA ASP A 203 -23.99 -0.27 15.94
C ASP A 203 -25.28 -0.89 15.40
N PRO A 204 -25.62 -2.11 15.82
CA PRO A 204 -26.83 -2.79 15.36
C PRO A 204 -28.17 -2.04 15.53
N ALA A 205 -28.48 -1.56 16.73
CA ALA A 205 -29.75 -0.87 16.95
C ALA A 205 -29.93 0.38 16.06
N GLN A 206 -28.81 0.99 15.66
CA GLN A 206 -28.84 2.22 14.86
C GLN A 206 -29.06 1.91 13.38
N ALA A 207 -28.72 0.70 12.93
CA ALA A 207 -29.13 0.28 11.60
C ALA A 207 -30.67 0.08 11.58
N GLN A 208 -31.22 -0.46 12.66
CA GLN A 208 -32.67 -0.67 12.87
C GLN A 208 -33.48 0.63 12.90
N THR A 209 -32.91 1.64 13.58
CA THR A 209 -33.49 2.96 13.70
C THR A 209 -33.50 3.66 12.34
N ALA A 210 -32.38 3.56 11.64
CA ALA A 210 -32.26 4.10 10.31
C ALA A 210 -33.36 3.51 9.42
N MET A 211 -33.49 2.18 9.42
CA MET A 211 -34.54 1.50 8.64
C MET A 211 -35.97 2.00 8.88
N ALA A 212 -36.40 1.99 10.16
CA ALA A 212 -37.66 2.58 10.60
C ALA A 212 -37.85 4.00 10.14
N GLU A 213 -36.82 4.88 10.26
CA GLU A 213 -36.94 6.30 9.85
C GLU A 213 -37.08 6.44 8.32
N MET A 214 -36.32 5.64 7.61
CA MET A 214 -36.39 5.63 6.19
C MET A 214 -37.75 5.19 5.71
N SER A 215 -38.27 4.13 6.28
CA SER A 215 -39.56 3.60 5.91
C SER A 215 -40.67 4.65 6.24
N GLY A 216 -40.55 5.23 7.43
CA GLY A 216 -41.48 6.29 7.85
C GLY A 216 -41.52 7.41 6.82
N TYR A 217 -40.34 7.91 6.44
CA TYR A 217 -40.15 8.95 5.42
C TYR A 217 -40.66 8.61 4.00
N LEU A 218 -40.34 7.40 3.51
CA LEU A 218 -40.80 6.98 2.18
C LEU A 218 -42.32 6.88 2.15
N SER A 219 -42.91 6.36 3.23
CA SER A 219 -44.37 6.33 3.32
C SER A 219 -44.98 7.73 3.23
N ARG A 220 -44.38 8.70 3.89
CA ARG A 220 -44.94 10.03 3.86
C ARG A 220 -44.66 10.67 2.50
N LEU A 221 -43.49 10.39 1.92
CA LEU A 221 -43.27 10.83 0.54
C LEU A 221 -44.30 10.26 -0.47
N ILE A 222 -44.60 8.98 -0.34
CA ILE A 222 -45.58 8.33 -1.21
C ILE A 222 -46.88 9.03 -1.05
N ASP A 223 -47.33 9.23 0.17
CA ASP A 223 -48.61 9.90 0.41
C ASP A 223 -48.61 11.30 -0.16
N SER A 224 -47.49 11.99 -0.08
CA SER A 224 -47.40 13.37 -0.63
C SER A 224 -47.57 13.45 -2.15
N LYS A 225 -47.44 12.34 -2.86
CA LYS A 225 -47.62 12.38 -4.35
C LYS A 225 -49.09 12.28 -4.69
N ARG A 226 -49.88 11.64 -3.84
CA ARG A 226 -51.26 11.29 -4.26
C ARG A 226 -52.08 12.53 -4.64
N GLY A 227 -52.70 12.46 -5.79
CA GLY A 227 -53.53 13.50 -6.28
C GLY A 227 -52.79 14.75 -6.75
N GLN A 228 -51.46 14.67 -6.94
CA GLN A 228 -50.71 15.87 -7.33
C GLN A 228 -50.29 15.88 -8.76
N ASP A 229 -50.61 14.83 -9.54
CA ASP A 229 -50.31 14.78 -10.96
C ASP A 229 -48.82 14.94 -11.34
N GLY A 230 -47.95 14.52 -10.44
CA GLY A 230 -46.52 14.43 -10.76
C GLY A 230 -46.17 13.47 -11.88
N GLU A 231 -45.09 13.76 -12.58
CA GLU A 231 -44.68 12.97 -13.76
C GLU A 231 -43.42 12.14 -13.45
N ASP A 232 -42.93 12.22 -12.22
CA ASP A 232 -41.77 11.46 -11.79
C ASP A 232 -42.17 9.99 -11.61
N LEU A 233 -41.18 9.09 -11.43
CA LEU A 233 -41.50 7.66 -11.39
C LEU A 233 -42.30 7.25 -10.14
N LEU A 234 -41.99 7.88 -9.01
CA LEU A 234 -42.70 7.55 -7.85
C LEU A 234 -44.19 7.93 -7.94
N SER A 235 -44.47 9.08 -8.51
CA SER A 235 -45.88 9.49 -8.74
C SER A 235 -46.59 8.48 -9.68
N ALA A 236 -45.89 7.96 -10.68
CA ALA A 236 -46.48 6.98 -11.66
C ALA A 236 -46.74 5.67 -10.92
N LEU A 237 -45.82 5.28 -10.05
CA LEU A 237 -46.03 4.05 -9.25
C LEU A 237 -47.18 4.18 -8.21
N VAL A 238 -47.28 5.34 -7.55
CA VAL A 238 -48.46 5.60 -6.73
C VAL A 238 -49.74 5.42 -7.49
N ARG A 239 -49.89 5.98 -8.71
CA ARG A 239 -51.16 5.85 -9.44
C ARG A 239 -51.37 4.41 -9.82
N THR A 240 -50.30 3.73 -10.24
CA THR A 240 -50.41 2.28 -10.45
C THR A 240 -51.02 1.53 -9.32
N SER A 241 -50.47 1.75 -8.13
CA SER A 241 -50.91 1.06 -6.97
C SER A 241 -52.36 1.51 -6.66
N ASP A 242 -52.64 2.78 -6.75
CA ASP A 242 -54.00 3.24 -6.40
C ASP A 242 -55.03 2.74 -7.44
N GLU A 243 -54.62 2.59 -8.69
CA GLU A 243 -55.59 2.09 -9.71
C GLU A 243 -55.92 0.61 -9.48
N ASP A 244 -54.92 -0.16 -9.03
CA ASP A 244 -55.13 -1.57 -8.76
C ASP A 244 -54.13 -2.12 -7.78
N GLY A 245 -54.62 -2.35 -6.56
CA GLY A 245 -53.81 -2.82 -5.43
C GLY A 245 -53.26 -4.23 -5.63
N SER A 246 -53.86 -5.02 -6.56
CA SER A 246 -53.32 -6.37 -6.81
C SER A 246 -52.13 -6.29 -7.75
N ARG A 247 -52.02 -5.20 -8.51
CA ARG A 247 -50.87 -5.10 -9.38
C ARG A 247 -49.60 -4.61 -8.59
N LEU A 248 -49.80 -3.78 -7.58
CA LEU A 248 -48.69 -3.22 -6.79
C LEU A 248 -49.32 -2.86 -5.47
N THR A 249 -49.07 -3.69 -4.46
CA THR A 249 -49.67 -3.45 -3.21
C THR A 249 -49.01 -2.21 -2.53
N SER A 250 -49.67 -1.67 -1.51
CA SER A 250 -49.05 -0.55 -0.77
C SER A 250 -47.66 -0.90 -0.10
N GLU A 251 -47.52 -2.11 0.45
CA GLU A 251 -46.19 -2.64 0.89
C GLU A 251 -45.15 -2.72 -0.20
N GLU A 252 -45.57 -3.14 -1.41
CA GLU A 252 -44.67 -3.29 -2.58
C GLU A 252 -44.32 -1.93 -3.15
N LEU A 253 -45.22 -0.98 -3.00
CA LEU A 253 -44.98 0.34 -3.45
C LEU A 253 -43.87 0.92 -2.60
N LEU A 254 -43.96 0.76 -1.29
CA LEU A 254 -42.92 1.26 -0.40
C LEU A 254 -41.62 0.49 -0.67
N GLY A 255 -41.73 -0.83 -0.85
CA GLY A 255 -40.54 -1.69 -1.20
C GLY A 255 -39.80 -1.28 -2.46
N MET A 256 -40.56 -0.87 -3.46
CA MET A 256 -40.05 -0.45 -4.73
C MET A 256 -39.35 0.92 -4.63
N ALA A 257 -39.93 1.88 -3.91
CA ALA A 257 -39.24 3.17 -3.65
C ALA A 257 -37.92 2.96 -2.94
N HIS A 258 -37.96 2.08 -1.94
CA HIS A 258 -36.81 1.80 -1.13
C HIS A 258 -35.69 1.19 -1.98
N ILE A 259 -36.00 0.11 -2.69
N ILE A 259 -35.99 0.10 -2.70
CA ILE A 259 -34.93 -0.60 -3.41
CA ILE A 259 -34.93 -0.62 -3.42
C ILE A 259 -34.31 0.28 -4.51
C ILE A 259 -34.32 0.22 -4.57
N LEU A 260 -35.13 1.03 -5.23
CA LEU A 260 -34.62 1.85 -6.33
C LEU A 260 -33.72 3.00 -5.79
N LEU A 261 -34.07 3.50 -4.61
CA LEU A 261 -33.36 4.61 -4.01
C LEU A 261 -32.03 4.20 -3.35
N VAL A 262 -32.05 3.11 -2.57
N VAL A 262 -32.02 3.11 -2.59
CA VAL A 262 -30.86 2.65 -1.89
CA VAL A 262 -30.80 2.71 -1.91
C VAL A 262 -29.86 2.05 -2.89
C VAL A 262 -29.83 1.95 -2.82
N ALA A 263 -30.32 1.18 -3.81
CA ALA A 263 -29.40 0.44 -4.75
C ALA A 263 -28.09 1.21 -5.15
N GLY A 264 -28.19 2.31 -5.89
CA GLY A 264 -27.00 3.17 -6.20
C GLY A 264 -26.24 3.94 -5.08
N HIS A 265 -26.87 4.14 -3.93
CA HIS A 265 -26.18 4.82 -2.87
C HIS A 265 -25.07 3.95 -2.35
N GLU A 266 -25.29 2.66 -2.46
CA GLU A 266 -24.37 1.70 -1.98
C GLU A 266 -23.47 1.24 -3.09
N THR A 267 -23.88 1.46 -4.33
CA THR A 267 -23.16 0.80 -5.38
C THR A 267 -22.46 1.74 -6.35
N THR A 268 -23.22 2.62 -7.00
CA THR A 268 -22.60 3.53 -7.99
C THR A 268 -21.57 4.44 -7.34
N VAL A 269 -21.89 4.94 -6.14
CA VAL A 269 -20.97 5.77 -5.37
C VAL A 269 -19.64 5.01 -5.30
N ASN A 270 -19.70 3.73 -4.90
CA ASN A 270 -18.49 2.95 -4.70
C ASN A 270 -17.81 2.51 -5.96
N LEU A 271 -18.57 2.33 -7.06
CA LEU A 271 -17.89 2.04 -8.30
C LEU A 271 -17.03 3.24 -8.73
N ILE A 272 -17.59 4.43 -8.57
CA ILE A 272 -16.88 5.66 -9.03
C ILE A 272 -15.64 5.82 -8.13
N ALA A 273 -15.82 5.68 -6.82
CA ALA A 273 -14.62 5.82 -5.94
C ALA A 273 -13.60 4.66 -6.07
N ASN A 274 -14.04 3.38 -6.05
CA ASN A 274 -13.14 2.27 -6.22
C ASN A 274 -12.44 2.36 -7.56
N GLY A 275 -13.18 2.76 -8.58
CA GLY A 275 -12.63 2.78 -9.94
C GLY A 275 -11.57 3.86 -10.10
N MET A 276 -11.84 5.01 -9.49
CA MET A 276 -10.88 6.11 -9.61
C MET A 276 -9.61 5.77 -8.83
N TYR A 277 -9.79 5.09 -7.70
CA TYR A 277 -8.68 4.61 -6.90
C TYR A 277 -7.87 3.61 -7.69
N ALA A 278 -8.55 2.65 -8.34
CA ALA A 278 -7.89 1.73 -9.23
C ALA A 278 -6.97 2.46 -10.23
N LEU A 279 -7.51 3.44 -10.90
CA LEU A 279 -6.78 4.15 -11.94
C LEU A 279 -5.60 5.01 -11.37
N LEU A 280 -5.88 5.69 -10.26
CA LEU A 280 -4.86 6.54 -9.62
C LEU A 280 -3.73 5.75 -9.02
N SER A 281 -4.00 4.49 -8.67
CA SER A 281 -3.01 3.59 -8.06
C SER A 281 -2.38 2.65 -9.11
N HIS A 282 -2.74 2.78 -10.40
CA HIS A 282 -2.07 2.09 -11.52
C HIS A 282 -1.83 3.12 -12.59
N PRO A 283 -0.87 4.03 -12.31
CA PRO A 283 -0.54 5.22 -13.11
C PRO A 283 -0.36 4.96 -14.62
N ASP A 284 0.18 3.80 -14.93
CA ASP A 284 0.40 3.38 -16.29
C ASP A 284 -0.91 3.05 -17.00
N GLN A 285 -1.90 2.54 -16.24
CA GLN A 285 -3.26 2.41 -16.81
C GLN A 285 -3.90 3.78 -16.96
N LEU A 286 -3.77 4.63 -15.94
CA LEU A 286 -4.23 6.00 -16.13
C LEU A 286 -3.65 6.72 -17.38
N ALA A 287 -2.35 6.59 -17.57
CA ALA A 287 -1.66 7.21 -18.70
C ALA A 287 -2.24 6.67 -19.99
N ALA A 288 -2.33 5.33 -20.14
CA ALA A 288 -2.98 4.69 -21.31
C ALA A 288 -4.37 5.22 -21.62
N LEU A 289 -5.18 5.41 -20.57
CA LEU A 289 -6.52 5.91 -20.78
C LEU A 289 -6.47 7.38 -21.20
N ARG A 290 -5.56 8.17 -20.65
CA ARG A 290 -5.41 9.57 -21.14
C ARG A 290 -5.03 9.66 -22.62
N ALA A 291 -4.10 8.78 -23.04
CA ALA A 291 -3.62 8.73 -24.41
C ALA A 291 -4.70 8.23 -25.38
N ASP A 292 -5.68 7.46 -24.87
CA ASP A 292 -6.75 6.98 -25.73
C ASP A 292 -8.06 6.77 -24.96
N MET A 293 -8.84 7.85 -24.87
CA MET A 293 -10.14 7.82 -24.22
C MET A 293 -11.18 6.91 -24.89
N THR A 294 -10.84 6.30 -26.03
CA THR A 294 -11.78 5.33 -26.59
C THR A 294 -11.69 4.04 -25.76
N LEU A 295 -10.66 3.95 -24.94
CA LEU A 295 -10.53 2.84 -23.96
C LEU A 295 -11.46 2.94 -22.70
N LEU A 296 -12.23 4.04 -22.64
CA LEU A 296 -12.96 4.42 -21.43
C LEU A 296 -14.00 3.36 -21.03
N ASP A 297 -14.83 2.93 -21.96
CA ASP A 297 -15.83 1.88 -21.58
C ASP A 297 -15.21 0.61 -21.06
N GLY A 298 -14.18 0.12 -21.73
CA GLY A 298 -13.39 -0.99 -21.24
C GLY A 298 -12.75 -0.80 -19.87
N ALA A 299 -12.31 0.42 -19.58
CA ALA A 299 -11.74 0.71 -18.26
C ALA A 299 -12.83 0.62 -17.15
N VAL A 300 -13.99 1.23 -17.41
CA VAL A 300 -15.12 1.05 -16.49
C VAL A 300 -15.49 -0.44 -16.24
N GLU A 301 -15.53 -1.25 -17.28
CA GLU A 301 -15.77 -2.69 -17.10
C GLU A 301 -14.71 -3.34 -16.22
N GLU A 302 -13.44 -2.95 -16.43
CA GLU A 302 -12.38 -3.55 -15.65
C GLU A 302 -12.43 -2.95 -14.26
N MET A 303 -12.91 -1.73 -14.06
CA MET A 303 -13.14 -1.29 -12.64
C MET A 303 -14.17 -2.17 -11.89
N LEU A 304 -15.21 -2.55 -12.63
CA LEU A 304 -16.21 -3.48 -12.11
C LEU A 304 -15.63 -4.87 -11.79
N ARG A 305 -14.85 -5.40 -12.70
CA ARG A 305 -14.24 -6.71 -12.54
C ARG A 305 -13.23 -6.68 -11.38
N TYR A 306 -12.37 -5.69 -11.37
CA TYR A 306 -11.22 -5.70 -10.46
C TYR A 306 -11.62 -5.36 -9.05
N GLU A 307 -12.38 -4.28 -8.92
CA GLU A 307 -12.82 -3.84 -7.62
C GLU A 307 -14.23 -3.21 -7.60
N GLY A 308 -15.20 -3.97 -8.10
CA GLY A 308 -16.58 -3.58 -8.06
C GLY A 308 -17.06 -3.45 -6.61
N PRO A 309 -18.07 -2.63 -6.42
CA PRO A 309 -18.59 -2.37 -5.10
C PRO A 309 -19.27 -3.57 -4.44
N VAL A 310 -19.81 -4.54 -5.21
CA VAL A 310 -20.51 -5.65 -4.56
C VAL A 310 -19.56 -6.79 -4.35
N GLU A 311 -19.12 -6.98 -3.12
N GLU A 311 -19.12 -6.94 -3.11
CA GLU A 311 -18.18 -8.05 -2.86
CA GLU A 311 -18.20 -7.98 -2.74
C GLU A 311 -18.87 -9.40 -2.63
C GLU A 311 -18.90 -9.34 -2.72
N SER A 312 -20.08 -9.37 -2.08
CA SER A 312 -20.92 -10.58 -1.95
C SER A 312 -22.33 -10.25 -2.37
N ALA A 313 -22.99 -11.15 -3.10
CA ALA A 313 -24.35 -10.89 -3.57
C ALA A 313 -25.32 -10.98 -2.42
N THR A 314 -26.56 -10.51 -2.62
CA THR A 314 -27.52 -10.51 -1.54
C THR A 314 -27.98 -11.94 -1.19
N TYR A 315 -28.59 -12.09 0.00
CA TYR A 315 -28.84 -13.41 0.59
C TYR A 315 -29.69 -14.33 -0.26
N ARG A 316 -29.24 -15.58 -0.35
CA ARG A 316 -29.99 -16.61 -1.02
C ARG A 316 -30.30 -17.75 0.01
N PHE A 317 -31.37 -18.48 -0.21
CA PHE A 317 -31.91 -19.50 0.76
C PHE A 317 -32.26 -20.77 -0.01
N PRO A 318 -31.48 -21.87 0.20
CA PRO A 318 -31.88 -23.09 -0.53
C PRO A 318 -33.26 -23.47 -0.11
N VAL A 319 -34.07 -23.85 -1.08
CA VAL A 319 -35.45 -24.23 -0.86
C VAL A 319 -35.48 -25.69 -0.42
N GLU A 320 -34.33 -26.36 -0.48
CA GLU A 320 -34.18 -27.77 -0.16
C GLU A 320 -32.65 -27.97 0.02
N PRO A 321 -32.19 -29.09 0.60
CA PRO A 321 -30.74 -29.28 0.77
C PRO A 321 -30.03 -29.25 -0.59
N VAL A 322 -28.90 -28.56 -0.66
CA VAL A 322 -28.22 -28.44 -1.95
C VAL A 322 -26.80 -28.92 -1.75
N ASP A 323 -26.40 -29.86 -2.58
CA ASP A 323 -25.08 -30.49 -2.48
C ASP A 323 -24.14 -29.81 -3.46
N LEU A 324 -23.12 -29.16 -2.91
CA LEU A 324 -22.09 -28.53 -3.73
C LEU A 324 -20.77 -29.31 -3.54
N ASP A 325 -20.51 -30.25 -4.44
N ASP A 325 -20.48 -30.23 -4.45
CA ASP A 325 -19.27 -31.06 -4.40
CA ASP A 325 -19.27 -31.08 -4.35
C ASP A 325 -19.08 -31.80 -3.06
C ASP A 325 -19.10 -31.71 -2.96
N GLY A 326 -20.16 -32.40 -2.53
CA GLY A 326 -20.13 -33.11 -1.27
C GLY A 326 -20.39 -32.27 -0.04
N THR A 327 -20.39 -30.93 -0.16
CA THR A 327 -20.88 -30.11 0.95
C THR A 327 -22.40 -29.87 0.75
N VAL A 328 -23.21 -30.31 1.73
CA VAL A 328 -24.69 -30.17 1.65
C VAL A 328 -25.08 -28.89 2.40
N ILE A 329 -25.70 -27.97 1.67
CA ILE A 329 -26.26 -26.77 2.32
C ILE A 329 -27.73 -27.06 2.69
N PRO A 330 -28.05 -26.97 3.99
CA PRO A 330 -29.42 -27.25 4.45
C PRO A 330 -30.43 -26.18 4.03
N ALA A 331 -31.64 -26.62 3.70
CA ALA A 331 -32.76 -25.74 3.44
C ALA A 331 -32.86 -24.58 4.45
N GLY A 332 -33.02 -23.36 3.93
CA GLY A 332 -33.21 -22.20 4.79
C GLY A 332 -32.02 -21.44 5.32
N ASP A 333 -30.82 -22.02 5.17
CA ASP A 333 -29.60 -21.34 5.54
C ASP A 333 -29.29 -20.17 4.58
N THR A 334 -28.50 -19.21 5.08
CA THR A 334 -28.07 -18.05 4.37
C THR A 334 -26.83 -18.35 3.54
N VAL A 335 -26.97 -18.12 2.23
CA VAL A 335 -25.88 -18.33 1.27
C VAL A 335 -25.50 -16.99 0.61
N LEU A 336 -24.20 -16.65 0.74
CA LEU A 336 -23.60 -15.47 0.09
C LEU A 336 -22.69 -15.87 -1.09
N VAL A 337 -23.07 -15.48 -2.31
CA VAL A 337 -22.17 -15.65 -3.45
C VAL A 337 -21.06 -14.61 -3.43
N VAL A 338 -19.78 -15.04 -3.30
CA VAL A 338 -18.70 -14.03 -3.19
C VAL A 338 -18.16 -13.62 -4.58
N LEU A 339 -18.75 -12.58 -5.13
CA LEU A 339 -18.45 -12.07 -6.47
C LEU A 339 -16.97 -11.70 -6.53
N ALA A 340 -16.45 -11.12 -5.44
CA ALA A 340 -15.04 -10.66 -5.41
C ALA A 340 -14.10 -11.80 -5.74
N ASP A 341 -14.38 -13.00 -5.20
CA ASP A 341 -13.55 -14.16 -5.44
C ASP A 341 -13.70 -14.72 -6.82
N ALA A 342 -14.95 -14.76 -7.29
CA ALA A 342 -15.20 -15.20 -8.64
C ALA A 342 -14.30 -14.37 -9.56
N HIS A 343 -14.22 -13.07 -9.27
CA HIS A 343 -13.47 -12.10 -10.14
C HIS A 343 -11.95 -12.25 -10.00
N ARG A 344 -11.51 -12.99 -8.99
CA ARG A 344 -10.05 -13.27 -8.86
C ARG A 344 -9.74 -14.71 -9.17
N THR A 345 -10.67 -15.44 -9.81
CA THR A 345 -10.43 -16.87 -10.18
C THR A 345 -9.54 -16.93 -11.43
N PRO A 346 -8.29 -17.46 -11.29
CA PRO A 346 -7.36 -17.25 -12.42
C PRO A 346 -7.72 -17.98 -13.71
N GLU A 347 -8.38 -19.13 -13.62
CA GLU A 347 -8.83 -19.85 -14.80
C GLU A 347 -9.84 -19.07 -15.65
N ARG A 348 -10.63 -18.19 -15.00
CA ARG A 348 -11.56 -17.36 -15.73
C ARG A 348 -10.93 -15.98 -16.13
N PHE A 349 -10.17 -15.35 -15.21
CA PHE A 349 -9.61 -14.02 -15.44
C PHE A 349 -8.07 -14.13 -15.18
N PRO A 350 -7.31 -14.46 -16.22
CA PRO A 350 -5.82 -14.68 -16.07
C PRO A 350 -5.12 -13.42 -15.48
N ASP A 351 -4.12 -13.66 -14.62
CA ASP A 351 -3.40 -12.63 -13.91
C ASP A 351 -4.43 -11.75 -13.23
N PRO A 352 -5.25 -12.38 -12.34
CA PRO A 352 -6.48 -11.72 -11.84
C PRO A 352 -6.17 -10.42 -11.05
N HIS A 353 -4.95 -10.35 -10.47
CA HIS A 353 -4.63 -9.24 -9.56
C HIS A 353 -4.14 -8.06 -10.36
N ARG A 354 -3.99 -8.24 -11.67
CA ARG A 354 -3.60 -7.12 -12.53
C ARG A 354 -4.81 -6.27 -12.92
N PHE A 355 -4.79 -4.98 -12.64
CA PHE A 355 -5.82 -4.09 -13.12
C PHE A 355 -5.42 -3.71 -14.56
N ASP A 356 -6.15 -4.23 -15.55
CA ASP A 356 -5.80 -4.02 -16.95
C ASP A 356 -6.99 -3.53 -17.73
N ILE A 357 -6.99 -2.27 -18.13
CA ILE A 357 -8.17 -1.68 -18.69
C ILE A 357 -8.50 -2.27 -20.07
N ARG A 358 -7.57 -3.03 -20.64
CA ARG A 358 -7.81 -3.64 -21.96
C ARG A 358 -8.13 -5.11 -21.85
N ARG A 359 -8.26 -5.63 -20.61
CA ARG A 359 -8.59 -7.04 -20.36
C ARG A 359 -9.96 -7.38 -21.00
N ASP A 360 -10.15 -8.66 -21.32
CA ASP A 360 -11.47 -9.16 -21.70
C ASP A 360 -12.23 -9.35 -20.38
N THR A 361 -13.22 -8.49 -20.12
CA THR A 361 -13.97 -8.51 -18.86
C THR A 361 -15.31 -9.21 -19.09
N ALA A 362 -15.53 -9.71 -20.29
CA ALA A 362 -16.81 -10.33 -20.62
C ALA A 362 -17.14 -11.44 -19.62
N GLY A 363 -18.36 -11.41 -19.12
CA GLY A 363 -18.78 -12.41 -18.19
C GLY A 363 -18.48 -12.07 -16.75
N HIS A 364 -18.02 -10.88 -16.48
CA HIS A 364 -17.99 -10.55 -15.05
C HIS A 364 -19.38 -10.58 -14.34
N LEU A 365 -19.35 -10.69 -12.99
CA LEU A 365 -20.54 -10.84 -12.16
C LEU A 365 -20.90 -9.57 -11.38
N ALA A 366 -20.31 -8.43 -11.70
CA ALA A 366 -20.48 -7.29 -10.81
C ALA A 366 -21.91 -6.83 -10.76
N PHE A 367 -22.69 -7.11 -11.81
CA PHE A 367 -24.16 -6.79 -11.81
C PHE A 367 -25.00 -8.04 -11.60
N GLY A 368 -24.39 -9.13 -11.15
CA GLY A 368 -25.10 -10.38 -10.93
C GLY A 368 -25.21 -11.19 -12.22
N HIS A 369 -26.23 -12.04 -12.26
CA HIS A 369 -26.41 -13.03 -13.31
C HIS A 369 -27.78 -13.71 -13.09
N GLY A 370 -28.57 -13.83 -14.14
CA GLY A 370 -29.88 -14.59 -13.99
C GLY A 370 -31.03 -13.60 -13.86
N ILE A 371 -32.16 -14.03 -13.30
CA ILE A 371 -33.35 -13.18 -13.23
C ILE A 371 -33.23 -11.87 -12.41
N HIS A 372 -32.32 -11.86 -11.48
CA HIS A 372 -32.04 -10.68 -10.66
C HIS A 372 -30.87 -9.82 -11.16
N PHE A 373 -30.40 -10.09 -12.36
CA PHE A 373 -29.38 -9.21 -12.96
C PHE A 373 -29.75 -7.75 -12.84
N CYS A 374 -28.78 -6.95 -12.41
CA CYS A 374 -28.97 -5.53 -12.07
C CYS A 374 -29.88 -4.78 -13.02
N ILE A 375 -31.00 -4.25 -12.53
CA ILE A 375 -31.78 -3.44 -13.47
C ILE A 375 -31.22 -2.01 -13.81
N GLY A 376 -30.36 -1.54 -12.95
CA GLY A 376 -29.79 -0.18 -13.08
C GLY A 376 -28.46 -0.16 -13.85
N ALA A 377 -28.10 -1.25 -14.51
CA ALA A 377 -26.78 -1.38 -15.03
C ALA A 377 -26.50 -0.29 -16.12
N PRO A 378 -27.47 -0.02 -17.03
CA PRO A 378 -27.25 1.04 -18.02
C PRO A 378 -27.06 2.41 -17.33
N LEU A 379 -27.86 2.69 -16.30
CA LEU A 379 -27.72 3.97 -15.61
C LEU A 379 -26.37 4.03 -14.83
N ALA A 380 -26.03 2.98 -14.08
CA ALA A 380 -24.73 2.98 -13.39
C ALA A 380 -23.54 3.25 -14.37
N ARG A 381 -23.56 2.62 -15.54
CA ARG A 381 -22.50 2.70 -16.56
C ARG A 381 -22.44 4.13 -17.16
N LEU A 382 -23.63 4.72 -17.44
CA LEU A 382 -23.73 6.11 -17.86
C LEU A 382 -23.15 7.05 -16.79
N GLU A 383 -23.54 6.92 -15.55
CA GLU A 383 -22.99 7.77 -14.54
C GLU A 383 -21.42 7.60 -14.39
N ALA A 384 -20.95 6.37 -14.31
CA ALA A 384 -19.51 6.14 -14.17
C ALA A 384 -18.68 6.66 -15.37
N ARG A 385 -19.18 6.44 -16.58
CA ARG A 385 -18.41 6.74 -17.76
C ARG A 385 -18.29 8.22 -17.87
N ILE A 386 -19.38 8.95 -17.58
CA ILE A 386 -19.33 10.40 -17.59
C ILE A 386 -18.45 11.00 -16.47
N ALA A 387 -18.57 10.48 -15.26
CA ALA A 387 -17.73 10.95 -14.16
C ALA A 387 -16.22 10.70 -14.38
N VAL A 388 -15.89 9.55 -14.94
CA VAL A 388 -14.49 9.15 -15.09
C VAL A 388 -13.92 10.07 -16.16
N ARG A 389 -14.66 10.24 -17.26
CA ARG A 389 -14.19 11.07 -18.35
C ARG A 389 -13.96 12.53 -17.91
N ALA A 390 -14.88 13.10 -17.10
CA ALA A 390 -14.82 14.47 -16.61
C ALA A 390 -13.60 14.70 -15.72
N LEU A 391 -13.30 13.73 -14.85
CA LEU A 391 -12.12 13.76 -13.99
C LEU A 391 -10.83 13.77 -14.80
N LEU A 392 -10.68 12.85 -15.73
CA LEU A 392 -9.45 12.77 -16.46
C LEU A 392 -9.28 14.00 -17.32
N GLU A 393 -10.38 14.49 -17.91
CA GLU A 393 -10.29 15.62 -18.87
C GLU A 393 -10.05 16.94 -18.15
N ARG A 394 -10.50 17.06 -16.91
CA ARG A 394 -10.52 18.35 -16.28
C ARG A 394 -9.56 18.49 -15.09
N CYS A 395 -8.88 17.42 -14.70
CA CYS A 395 -7.94 17.49 -13.60
C CYS A 395 -6.54 17.24 -14.13
N PRO A 396 -5.78 18.34 -14.33
CA PRO A 396 -4.40 18.11 -14.80
C PRO A 396 -3.60 17.52 -13.67
N ASP A 397 -2.88 16.45 -13.97
CA ASP A 397 -1.99 15.85 -13.01
C ASP A 397 -2.75 15.33 -11.79
N LEU A 398 -3.96 14.84 -12.06
CA LEU A 398 -4.78 14.25 -11.00
C LEU A 398 -3.95 13.16 -10.30
N ALA A 399 -3.94 13.17 -8.98
CA ALA A 399 -3.19 12.14 -8.22
C ALA A 399 -3.92 11.73 -6.94
N LEU A 400 -3.61 10.52 -6.43
CA LEU A 400 -4.01 10.10 -5.12
C LEU A 400 -3.21 10.94 -4.11
N ASP A 401 -3.82 11.33 -3.00
CA ASP A 401 -3.29 12.37 -2.13
C ASP A 401 -3.01 11.81 -0.75
N VAL A 402 -3.04 10.46 -0.69
CA VAL A 402 -2.48 9.65 0.37
C VAL A 402 -1.88 8.41 -0.27
N SER A 403 -1.12 7.64 0.49
CA SER A 403 -0.64 6.37 -0.03
C SER A 403 -1.78 5.36 0.12
N PRO A 404 -1.80 4.33 -0.76
CA PRO A 404 -2.87 3.32 -0.76
C PRO A 404 -3.01 2.73 0.64
N GLY A 405 -1.88 2.44 1.28
CA GLY A 405 -1.85 1.97 2.63
C GLY A 405 -2.56 2.83 3.65
N GLU A 406 -2.79 4.12 3.37
CA GLU A 406 -3.49 4.99 4.33
C GLU A 406 -5.02 5.10 4.10
N LEU A 407 -5.53 4.46 3.05
CA LEU A 407 -6.94 4.59 2.70
C LEU A 407 -7.67 3.78 3.74
N VAL A 408 -8.91 4.13 4.06
CA VAL A 408 -9.68 3.27 4.94
C VAL A 408 -11.00 2.76 4.32
N TRP A 409 -11.09 1.46 4.24
CA TRP A 409 -12.21 0.75 3.72
C TRP A 409 -13.21 0.44 4.83
N TYR A 410 -14.49 0.55 4.55
CA TYR A 410 -15.49 0.04 5.49
C TYR A 410 -15.30 -1.43 5.84
N PRO A 411 -15.47 -1.77 7.12
CA PRO A 411 -15.29 -3.18 7.55
C PRO A 411 -16.23 -4.19 6.82
N ASN A 412 -17.36 -3.69 6.32
CA ASN A 412 -18.33 -4.50 5.61
C ASN A 412 -17.80 -5.48 4.52
N PRO A 413 -18.19 -6.78 4.64
CA PRO A 413 -17.69 -7.77 3.67
C PRO A 413 -18.65 -7.98 2.50
N MET A 414 -19.69 -7.15 2.45
N MET A 414 -19.83 -7.30 2.53
CA MET A 414 -20.72 -7.23 1.43
CA MET A 414 -20.86 -7.33 1.44
C MET A 414 -20.47 -6.16 0.35
C MET A 414 -20.59 -6.16 0.41
N ILE A 415 -20.09 -5.00 0.86
CA ILE A 415 -19.90 -3.82 0.04
C ILE A 415 -18.44 -3.44 0.17
N ARG A 416 -17.79 -3.23 -0.95
CA ARG A 416 -16.40 -2.78 -0.95
C ARG A 416 -16.41 -1.30 -1.17
N GLY A 417 -16.09 -0.54 -0.14
CA GLY A 417 -16.17 0.86 -0.26
C GLY A 417 -15.23 1.57 0.70
N LEU A 418 -14.81 2.75 0.25
CA LEU A 418 -13.85 3.65 0.97
C LEU A 418 -14.56 4.71 1.79
N LYS A 419 -13.92 5.13 2.89
CA LYS A 419 -14.56 6.12 3.75
C LYS A 419 -14.36 7.47 3.12
N ALA A 420 -13.25 7.60 2.41
CA ALA A 420 -12.81 8.89 1.86
C ALA A 420 -11.79 8.61 0.77
N LEU A 421 -11.68 9.47 -0.22
CA LEU A 421 -10.69 9.27 -1.29
C LEU A 421 -10.00 10.58 -1.60
N PRO A 422 -8.95 10.90 -0.81
CA PRO A 422 -8.25 12.19 -1.04
C PRO A 422 -7.53 12.17 -2.38
N ILE A 423 -7.72 13.26 -3.14
CA ILE A 423 -7.09 13.47 -4.42
C ILE A 423 -6.55 14.93 -4.52
N ARG A 424 -5.73 15.19 -5.52
CA ARG A 424 -5.24 16.54 -5.76
C ARG A 424 -4.98 16.63 -7.18
N TRP A 425 -4.86 17.85 -7.69
CA TRP A 425 -4.58 18.07 -9.10
C TRP A 425 -3.74 19.37 -9.16
N ARG A 426 -3.35 19.78 -10.34
CA ARG A 426 -2.48 20.96 -10.44
C ARG A 426 -3.30 22.21 -10.66
N ARG A 427 -3.29 23.08 -9.65
CA ARG A 427 -3.85 24.45 -9.75
C ARG A 427 -2.73 25.45 -9.96
N VAL B 34 14.32 2.73 32.24
CA VAL B 34 14.70 1.94 31.02
C VAL B 34 13.47 1.35 30.32
N LEU B 35 13.31 1.68 29.04
CA LEU B 35 12.23 1.16 28.20
C LEU B 35 12.67 -0.02 27.32
N ASP B 36 11.85 -1.07 27.25
CA ASP B 36 12.27 -2.30 26.58
C ASP B 36 11.73 -2.50 25.17
N LEU B 37 12.61 -2.34 24.20
CA LEU B 37 12.28 -2.52 22.78
C LEU B 37 12.16 -3.98 22.34
N GLY B 38 12.68 -4.91 23.14
CA GLY B 38 12.46 -6.35 22.91
C GLY B 38 11.00 -6.73 23.19
N ALA B 39 10.44 -6.09 24.22
CA ALA B 39 9.09 -6.33 24.74
C ALA B 39 8.00 -5.54 24.01
N LEU B 40 8.29 -5.04 22.81
CA LEU B 40 7.31 -4.32 21.99
C LEU B 40 6.67 -5.21 20.91
N GLY B 41 7.50 -5.96 20.18
CA GLY B 41 6.99 -6.95 19.22
C GLY B 41 7.53 -6.81 17.81
N GLN B 42 6.93 -7.56 16.87
CA GLN B 42 7.27 -7.45 15.43
C GLN B 42 6.72 -6.14 14.84
N ASP B 43 5.94 -5.44 15.65
CA ASP B 43 5.31 -4.14 15.32
C ASP B 43 6.35 -3.02 15.22
N PHE B 44 7.19 -2.95 16.24
CA PHE B 44 8.36 -2.09 16.24
C PHE B 44 9.25 -2.39 15.03
N ALA B 45 9.49 -3.67 14.76
CA ALA B 45 10.30 -4.11 13.62
C ALA B 45 9.76 -3.63 12.26
N ALA B 46 8.45 -3.47 12.13
CA ALA B 46 7.88 -2.90 10.88
C ALA B 46 7.52 -1.42 11.00
N ASP B 47 7.04 -0.99 12.17
CA ASP B 47 6.78 0.44 12.42
C ASP B 47 7.37 0.98 13.75
N PRO B 48 8.67 1.35 13.75
CA PRO B 48 9.27 1.82 15.01
C PRO B 48 9.05 3.32 15.24
N TYR B 49 8.68 4.04 14.18
CA TYR B 49 8.57 5.49 14.25
C TYR B 49 7.72 6.11 15.39
N PRO B 50 6.53 5.54 15.74
CA PRO B 50 5.71 6.21 16.80
C PRO B 50 6.32 6.12 18.19
N THR B 51 7.02 5.01 18.45
CA THR B 51 7.91 4.84 19.60
C THR B 51 8.83 6.05 19.67
N TYR B 52 9.60 6.26 18.59
CA TYR B 52 10.61 7.32 18.58
C TYR B 52 9.99 8.67 18.79
N ALA B 53 8.89 8.92 18.08
CA ALA B 53 8.18 10.17 18.20
C ALA B 53 7.56 10.39 19.61
N ARG B 54 7.09 9.30 20.21
N ARG B 54 7.09 9.33 20.26
CA ARG B 54 6.61 9.31 21.60
CA ARG B 54 6.62 9.51 21.66
C ARG B 54 7.75 9.79 22.50
C ARG B 54 7.80 9.87 22.55
N LEU B 55 8.90 9.12 22.44
CA LEU B 55 10.13 9.51 23.18
C LEU B 55 10.52 10.97 22.96
N ARG B 56 10.55 11.43 21.71
CA ARG B 56 10.99 12.78 21.39
C ARG B 56 10.15 13.86 22.05
N ALA B 57 8.86 13.61 22.10
CA ALA B 57 7.95 14.53 22.79
C ALA B 57 8.35 14.71 24.27
N GLU B 58 8.81 13.65 24.93
CA GLU B 58 9.31 13.73 26.29
C GLU B 58 10.70 14.41 26.41
N GLY B 59 11.56 14.33 25.38
CA GLY B 59 12.93 14.85 25.53
C GLY B 59 13.99 14.19 24.60
N PRO B 60 15.24 14.68 24.65
CA PRO B 60 16.15 14.28 23.57
C PRO B 60 16.77 12.93 23.75
N ALA B 61 16.92 12.49 25.00
CA ALA B 61 17.82 11.38 25.34
C ALA B 61 17.17 10.36 26.23
N HIS B 62 17.14 9.09 25.83
CA HIS B 62 16.37 8.07 26.54
C HIS B 62 17.15 6.78 26.68
N ARG B 63 17.24 6.28 27.90
CA ARG B 63 17.86 5.01 28.14
C ARG B 63 16.92 3.89 27.76
N VAL B 64 17.38 2.95 26.95
CA VAL B 64 16.58 1.84 26.48
C VAL B 64 17.33 0.54 26.48
N ARG B 65 16.62 -0.55 26.21
CA ARG B 65 17.20 -1.86 26.06
C ARG B 65 16.87 -2.31 24.64
N THR B 66 17.87 -2.68 23.86
CA THR B 66 17.57 -3.07 22.49
C THR B 66 16.87 -4.43 22.47
N PRO B 67 16.31 -4.80 21.29
CA PRO B 67 15.89 -6.17 21.00
C PRO B 67 16.98 -7.22 21.38
N GLU B 68 18.24 -6.94 21.07
CA GLU B 68 19.33 -7.86 21.39
C GLU B 68 19.71 -7.86 22.90
N GLY B 69 18.97 -7.15 23.75
CA GLY B 69 19.23 -7.14 25.20
C GLY B 69 20.21 -6.10 25.77
N ASN B 70 20.69 -5.18 24.98
CA ASN B 70 21.65 -4.18 25.43
C ASN B 70 21.05 -2.88 25.93
N GLU B 71 21.66 -2.29 26.95
CA GLU B 71 21.26 -0.96 27.43
C GLU B 71 22.01 0.11 26.65
N VAL B 72 21.30 1.01 26.02
CA VAL B 72 21.93 2.11 25.27
C VAL B 72 21.07 3.34 25.47
N TRP B 73 21.61 4.51 25.13
CA TRP B 73 20.84 5.73 25.03
C TRP B 73 20.43 5.98 23.56
N LEU B 74 19.18 6.33 23.29
CA LEU B 74 18.77 6.91 22.02
C LEU B 74 18.73 8.41 22.09
N VAL B 75 19.24 9.07 21.04
CA VAL B 75 19.09 10.49 20.90
C VAL B 75 18.07 10.70 19.77
N VAL B 76 16.99 11.41 20.09
CA VAL B 76 15.93 11.63 19.10
C VAL B 76 15.68 13.11 18.80
N GLY B 77 14.93 13.42 17.73
CA GLY B 77 14.71 14.81 17.39
C GLY B 77 15.79 15.36 16.46
N TYR B 78 15.40 16.02 15.39
CA TYR B 78 16.37 16.44 14.41
C TYR B 78 17.49 17.28 14.98
N ASP B 79 17.18 18.38 15.73
CA ASP B 79 18.27 19.33 16.05
C ASP B 79 19.32 18.71 16.92
N ARG B 80 18.83 17.96 17.91
CA ARG B 80 19.70 17.29 18.84
C ARG B 80 20.50 16.15 18.15
N ALA B 81 19.85 15.44 17.22
CA ALA B 81 20.50 14.33 16.51
C ALA B 81 21.64 14.87 15.69
N ARG B 82 21.36 15.90 14.89
CA ARG B 82 22.38 16.56 14.14
C ARG B 82 23.56 17.08 14.99
N ALA B 83 23.26 17.70 16.11
CA ALA B 83 24.33 18.25 16.95
C ALA B 83 25.21 17.14 17.54
N VAL B 84 24.59 16.06 18.04
CA VAL B 84 25.34 15.01 18.66
C VAL B 84 26.23 14.26 17.66
N LEU B 85 25.76 14.10 16.40
CA LEU B 85 26.55 13.47 15.35
C LEU B 85 27.89 14.17 15.19
N ALA B 86 27.91 15.48 15.36
CA ALA B 86 29.12 16.18 15.10
C ALA B 86 29.86 16.58 16.35
N ASP B 87 29.31 16.31 17.53
CA ASP B 87 29.83 16.83 18.82
C ASP B 87 31.03 16.00 19.31
N PRO B 88 32.20 16.65 19.40
CA PRO B 88 33.42 15.90 19.79
C PRO B 88 33.35 15.45 21.25
N ARG B 89 32.32 15.83 22.02
CA ARG B 89 32.18 15.25 23.38
C ARG B 89 31.82 13.76 23.28
N PHE B 90 31.29 13.37 22.12
CA PHE B 90 30.91 11.98 21.89
C PHE B 90 31.93 11.38 20.94
N SER B 91 32.71 10.45 21.48
CA SER B 91 33.80 9.80 20.78
C SER B 91 33.30 8.52 20.09
N LYS B 92 34.11 8.02 19.14
CA LYS B 92 33.80 6.76 18.44
C LYS B 92 34.84 5.67 18.74
N ASP B 93 35.84 6.04 19.55
CA ASP B 93 36.98 5.18 19.86
C ASP B 93 36.59 4.33 21.05
N TRP B 94 36.68 3.02 20.86
CA TRP B 94 36.25 2.05 21.87
C TRP B 94 37.05 2.16 23.18
N ARG B 95 38.21 2.81 23.16
CA ARG B 95 38.93 3.05 24.45
C ARG B 95 38.14 3.98 25.36
N ASN B 96 37.15 4.68 24.80
CA ASN B 96 36.23 5.54 25.59
C ASN B 96 34.89 4.93 25.92
N SER B 97 34.67 3.69 25.49
CA SER B 97 33.47 2.94 25.85
C SER B 97 33.76 2.05 27.10
N THR B 98 32.77 1.88 27.96
CA THR B 98 32.91 0.93 29.08
C THR B 98 32.49 -0.49 28.72
N THR B 99 31.96 -0.69 27.50
CA THR B 99 31.61 -2.01 26.95
C THR B 99 32.87 -2.54 26.22
N PRO B 100 33.35 -3.75 26.58
CA PRO B 100 34.60 -4.15 25.90
C PRO B 100 34.30 -4.85 24.57
N LEU B 101 35.29 -4.89 23.69
CA LEU B 101 35.14 -5.49 22.37
C LEU B 101 35.36 -7.01 22.49
N THR B 102 34.65 -7.82 21.70
CA THR B 102 35.03 -9.26 21.55
C THR B 102 36.32 -9.35 20.75
N GLU B 103 37.02 -10.49 20.88
CA GLU B 103 38.21 -10.78 20.06
C GLU B 103 38.01 -10.47 18.54
N ALA B 104 36.97 -11.04 17.92
CA ALA B 104 36.79 -10.83 16.48
C ALA B 104 36.53 -9.34 16.19
N GLU B 105 35.86 -8.64 17.10
CA GLU B 105 35.59 -7.19 16.89
C GLU B 105 36.84 -6.35 16.98
N ALA B 106 37.72 -6.70 17.92
CA ALA B 106 38.94 -5.96 18.13
C ALA B 106 39.91 -6.11 16.94
N ALA B 107 39.84 -7.22 16.19
CA ALA B 107 40.68 -7.37 14.99
C ALA B 107 40.35 -6.35 13.95
N LEU B 108 39.10 -5.81 13.99
CA LEU B 108 38.53 -4.96 12.89
C LEU B 108 38.30 -3.47 13.25
N ASN B 109 38.46 -3.10 14.53
CA ASN B 109 38.06 -1.74 14.97
C ASN B 109 39.09 -0.65 14.70
N HIS B 110 40.25 -1.00 14.15
CA HIS B 110 41.22 0.09 13.75
C HIS B 110 40.88 0.72 12.39
N ASN B 111 39.75 1.42 12.34
CA ASN B 111 39.26 1.99 11.07
C ASN B 111 38.75 3.42 11.38
N MET B 112 38.54 4.22 10.34
CA MET B 112 38.35 5.63 10.60
C MET B 112 37.01 5.85 11.32
N LEU B 113 36.03 4.95 11.11
CA LEU B 113 34.69 5.21 11.70
C LEU B 113 34.76 4.94 13.23
N GLU B 114 35.65 4.08 13.66
CA GLU B 114 35.80 3.84 15.11
C GLU B 114 37.05 4.48 15.68
N SER B 115 37.30 5.71 15.22
CA SER B 115 38.45 6.52 15.69
C SER B 115 38.03 7.98 15.88
N ASP B 116 38.88 8.72 16.59
CA ASP B 116 38.74 10.15 16.79
C ASP B 116 40.02 10.78 16.22
N PRO B 117 40.01 12.09 15.93
CA PRO B 117 41.29 12.76 15.55
C PRO B 117 42.28 12.56 16.72
N PRO B 118 43.58 12.43 16.46
CA PRO B 118 44.27 12.57 15.21
C PRO B 118 44.16 11.25 14.37
N ARG B 119 43.87 10.10 14.95
CA ARG B 119 43.91 8.89 14.10
C ARG B 119 42.87 8.93 12.95
N HIS B 120 41.67 9.45 13.22
CA HIS B 120 40.61 9.52 12.20
C HIS B 120 41.12 10.37 11.03
N THR B 121 41.86 11.41 11.35
CA THR B 121 42.30 12.43 10.39
C THR B 121 43.32 11.81 9.42
N ARG B 122 44.26 11.07 10.00
CA ARG B 122 45.32 10.36 9.25
C ARG B 122 44.69 9.27 8.38
N LEU B 123 43.80 8.43 8.94
CA LEU B 123 43.19 7.34 8.15
C LEU B 123 42.39 7.80 7.01
N ARG B 124 41.55 8.84 7.20
CA ARG B 124 40.63 9.26 6.14
C ARG B 124 41.46 9.91 5.00
N LYS B 125 42.54 10.63 5.33
CA LYS B 125 43.40 11.27 4.25
C LYS B 125 44.01 10.28 3.32
N LEU B 126 44.21 9.07 3.79
CA LEU B 126 44.75 8.03 2.91
C LEU B 126 43.82 7.68 1.71
N VAL B 127 42.49 7.80 1.89
CA VAL B 127 41.56 7.43 0.83
C VAL B 127 40.62 8.51 0.33
N ALA B 128 40.66 9.69 0.95
CA ALA B 128 39.70 10.76 0.58
C ALA B 128 39.68 11.08 -0.94
N ARG B 129 40.86 11.11 -1.58
CA ARG B 129 40.94 11.47 -3.00
C ARG B 129 40.27 10.40 -3.87
N GLU B 130 40.13 9.19 -3.38
CA GLU B 130 39.58 8.09 -4.21
C GLU B 130 38.09 8.22 -4.30
N PHE B 131 37.49 9.00 -3.39
CA PHE B 131 36.02 9.00 -3.33
C PHE B 131 35.34 10.33 -3.58
N THR B 132 36.05 11.30 -4.15
CA THR B 132 35.47 12.59 -4.42
C THR B 132 34.47 12.41 -5.56
N MET B 133 33.59 13.38 -5.66
CA MET B 133 32.64 13.44 -6.73
C MET B 133 33.31 13.34 -8.13
N ARG B 134 34.39 14.08 -8.34
CA ARG B 134 34.99 14.08 -9.68
C ARG B 134 35.69 12.74 -10.00
N ARG B 135 36.35 12.15 -9.01
CA ARG B 135 36.92 10.82 -9.18
C ARG B 135 35.81 9.76 -9.34
N VAL B 136 34.71 9.90 -8.62
CA VAL B 136 33.61 8.87 -8.71
C VAL B 136 32.97 8.93 -10.13
N GLU B 137 32.95 10.12 -10.70
CA GLU B 137 32.26 10.36 -11.93
C GLU B 137 32.98 9.66 -13.09
N LEU B 138 34.28 9.43 -12.98
CA LEU B 138 34.99 8.56 -13.95
C LEU B 138 34.53 7.10 -13.95
N LEU B 139 33.92 6.67 -12.85
CA LEU B 139 33.28 5.31 -12.81
C LEU B 139 31.90 5.23 -13.50
N ARG B 140 31.30 6.35 -13.79
CA ARG B 140 29.99 6.36 -14.42
C ARG B 140 29.78 5.29 -15.57
N PRO B 141 30.64 5.29 -16.61
CA PRO B 141 30.46 4.29 -17.70
C PRO B 141 30.53 2.87 -17.20
N ARG B 142 31.44 2.56 -16.28
CA ARG B 142 31.49 1.23 -15.78
C ARG B 142 30.24 0.92 -14.93
N VAL B 143 29.87 1.86 -14.08
CA VAL B 143 28.69 1.61 -13.28
C VAL B 143 27.48 1.43 -14.27
N GLN B 144 27.38 2.29 -15.30
CA GLN B 144 26.28 2.20 -16.29
C GLN B 144 26.27 0.82 -16.97
N GLU B 145 27.44 0.29 -17.25
CA GLU B 145 27.57 -1.02 -17.91
C GLU B 145 27.13 -2.16 -17.02
N ILE B 146 27.52 -2.12 -15.74
CA ILE B 146 27.08 -3.13 -14.78
C ILE B 146 25.53 -3.13 -14.66
N VAL B 147 24.93 -1.96 -14.49
CA VAL B 147 23.47 -1.89 -14.28
C VAL B 147 22.74 -2.37 -15.58
N ASP B 148 23.21 -1.89 -16.73
CA ASP B 148 22.73 -2.32 -18.08
C ASP B 148 22.68 -3.85 -18.23
N GLY B 149 23.78 -4.48 -17.88
CA GLY B 149 23.93 -5.94 -17.86
C GLY B 149 23.01 -6.64 -16.89
N LEU B 150 22.91 -6.12 -15.68
CA LEU B 150 22.01 -6.74 -14.67
C LEU B 150 20.54 -6.64 -15.01
N VAL B 151 20.15 -5.48 -15.51
CA VAL B 151 18.78 -5.29 -15.92
C VAL B 151 18.50 -6.14 -17.21
N ASP B 152 19.43 -6.18 -18.17
CA ASP B 152 19.30 -7.09 -19.32
C ASP B 152 18.96 -8.45 -18.81
N ALA B 153 19.73 -8.93 -17.84
CA ALA B 153 19.50 -10.28 -17.36
C ALA B 153 18.15 -10.37 -16.66
N MET B 154 17.74 -9.31 -15.99
CA MET B 154 16.55 -9.41 -15.16
C MET B 154 15.34 -9.47 -16.11
N LEU B 155 15.49 -8.76 -17.24
CA LEU B 155 14.47 -8.67 -18.27
C LEU B 155 14.27 -9.96 -19.11
N ALA B 156 15.22 -10.89 -19.00
CA ALA B 156 15.12 -12.20 -19.67
C ALA B 156 14.04 -13.09 -19.04
N ALA B 157 13.54 -12.70 -17.87
CA ALA B 157 12.51 -13.48 -17.18
C ALA B 157 11.20 -13.56 -18.00
N PRO B 158 10.81 -14.79 -18.41
CA PRO B 158 9.63 -14.95 -19.28
C PRO B 158 8.31 -14.49 -18.61
N ASP B 159 8.12 -14.81 -17.32
CA ASP B 159 6.97 -14.27 -16.62
C ASP B 159 7.08 -12.79 -16.20
N GLY B 160 8.05 -12.06 -16.76
CA GLY B 160 8.37 -10.72 -16.27
C GLY B 160 8.27 -10.55 -14.75
N ARG B 161 8.86 -11.46 -13.98
CA ARG B 161 8.93 -11.35 -12.51
C ARG B 161 10.40 -11.42 -12.03
N ALA B 162 10.65 -10.93 -10.81
CA ALA B 162 12.01 -10.96 -10.23
C ALA B 162 12.02 -10.50 -8.79
N ASP B 163 13.06 -10.92 -8.06
CA ASP B 163 13.36 -10.30 -6.77
C ASP B 163 14.41 -9.18 -7.02
N LEU B 164 14.00 -7.92 -6.87
CA LEU B 164 14.90 -6.80 -7.14
C LEU B 164 16.17 -6.85 -6.30
N MET B 165 16.09 -7.40 -5.09
CA MET B 165 17.26 -7.57 -4.21
C MET B 165 18.34 -8.50 -4.80
N GLU B 166 17.90 -9.70 -5.26
CA GLU B 166 18.80 -10.63 -5.88
C GLU B 166 19.20 -10.17 -7.28
N SER B 167 18.33 -9.50 -8.02
CA SER B 167 18.69 -9.17 -9.40
C SER B 167 19.51 -7.93 -9.58
N LEU B 168 19.34 -6.96 -8.66
CA LEU B 168 19.96 -5.63 -8.85
C LEU B 168 20.55 -5.03 -7.58
N ALA B 169 19.77 -4.88 -6.53
CA ALA B 169 20.20 -4.13 -5.35
C ALA B 169 21.46 -4.77 -4.77
N TRP B 170 21.45 -6.08 -4.58
CA TRP B 170 22.67 -6.70 -4.00
C TRP B 170 23.88 -6.69 -4.94
N PRO B 171 23.74 -7.31 -6.12
CA PRO B 171 24.90 -7.43 -7.03
C PRO B 171 25.58 -6.13 -7.51
N LEU B 172 24.81 -5.03 -7.69
CA LEU B 172 25.40 -3.84 -8.26
C LEU B 172 26.54 -3.25 -7.33
N PRO B 173 26.23 -2.97 -6.03
CA PRO B 173 27.25 -2.37 -5.15
C PRO B 173 28.47 -3.29 -4.89
N ILE B 174 28.26 -4.60 -4.68
CA ILE B 174 29.41 -5.50 -4.47
C ILE B 174 30.31 -5.53 -5.71
N THR B 175 29.72 -5.49 -6.90
CA THR B 175 30.50 -5.52 -8.14
C THR B 175 31.38 -4.28 -8.25
N VAL B 176 30.80 -3.10 -8.00
CA VAL B 176 31.54 -1.83 -8.07
C VAL B 176 32.66 -1.83 -7.02
N ILE B 177 32.37 -2.06 -5.75
CA ILE B 177 33.41 -1.95 -4.73
C ILE B 177 34.49 -3.06 -4.85
N SER B 178 34.08 -4.25 -5.28
CA SER B 178 35.03 -5.36 -5.55
C SER B 178 35.99 -5.00 -6.64
N GLU B 179 35.56 -4.29 -7.69
CA GLU B 179 36.50 -3.84 -8.72
C GLU B 179 37.42 -2.74 -8.20
N LEU B 180 36.90 -1.86 -7.33
N LEU B 180 36.84 -1.70 -7.62
CA LEU B 180 37.74 -0.88 -6.63
CA LEU B 180 37.61 -0.54 -7.23
C LEU B 180 38.79 -1.51 -5.70
C LEU B 180 38.75 -1.03 -6.38
N LEU B 181 38.38 -2.48 -4.91
N LEU B 181 38.44 -1.96 -5.46
CA LEU B 181 39.26 -2.94 -3.87
CA LEU B 181 39.37 -2.42 -4.44
C LEU B 181 39.92 -4.24 -4.29
C LEU B 181 40.31 -3.57 -4.80
N GLY B 182 39.81 -4.54 -5.58
CA GLY B 182 40.53 -5.72 -6.06
C GLY B 182 40.10 -7.06 -5.41
N VAL B 183 38.80 -7.28 -5.18
CA VAL B 183 38.32 -8.58 -4.68
C VAL B 183 37.92 -9.48 -5.91
N PRO B 184 38.65 -10.64 -6.07
CA PRO B 184 38.44 -11.51 -7.21
C PRO B 184 36.97 -12.00 -7.25
N GLU B 185 36.38 -12.00 -8.43
CA GLU B 185 34.99 -12.42 -8.66
C GLU B 185 34.57 -13.66 -7.85
N PRO B 186 35.40 -14.73 -7.84
CA PRO B 186 34.89 -15.94 -7.18
C PRO B 186 34.86 -15.87 -5.67
N ASP B 187 35.47 -14.83 -5.09
CA ASP B 187 35.51 -14.61 -3.65
C ASP B 187 34.29 -13.78 -3.22
N ARG B 188 33.55 -13.25 -4.18
CA ARG B 188 32.58 -12.24 -3.82
C ARG B 188 31.29 -12.75 -3.17
N ALA B 189 30.89 -13.98 -3.52
CA ALA B 189 29.62 -14.49 -3.03
C ALA B 189 29.71 -14.82 -1.56
N ALA B 190 30.86 -15.27 -1.10
CA ALA B 190 31.02 -15.39 0.35
C ALA B 190 30.59 -14.09 1.12
N PHE B 191 30.72 -12.90 0.52
CA PHE B 191 30.34 -11.65 1.24
C PHE B 191 28.83 -11.48 1.43
N ARG B 192 28.02 -11.92 0.48
CA ARG B 192 26.59 -11.83 0.76
C ARG B 192 26.23 -12.64 2.01
N VAL B 193 26.82 -13.83 2.12
CA VAL B 193 26.69 -14.65 3.32
C VAL B 193 27.11 -13.89 4.59
N TRP B 194 28.29 -13.28 4.58
CA TRP B 194 28.75 -12.52 5.76
C TRP B 194 27.87 -11.30 6.12
N THR B 195 27.50 -10.50 5.14
CA THR B 195 26.51 -9.43 5.35
C THR B 195 25.20 -9.99 6.00
N ASP B 196 24.58 -11.01 5.41
CA ASP B 196 23.43 -11.67 6.08
C ASP B 196 23.69 -12.01 7.58
N ALA B 197 24.92 -12.40 7.91
CA ALA B 197 25.26 -12.78 9.28
C ALA B 197 25.51 -11.56 10.20
N PHE B 198 25.86 -10.41 9.62
CA PHE B 198 26.01 -9.18 10.42
C PHE B 198 24.66 -8.47 10.59
N VAL B 199 23.84 -8.54 9.54
CA VAL B 199 22.56 -7.85 9.44
C VAL B 199 21.42 -8.64 10.09
N PHE B 200 21.26 -9.92 9.75
CA PHE B 200 20.19 -10.73 10.40
C PHE B 200 20.67 -12.06 10.99
N PRO B 201 21.43 -11.97 12.11
CA PRO B 201 22.05 -13.18 12.65
C PRO B 201 21.01 -14.08 13.33
N ASP B 202 21.10 -15.38 13.06
CA ASP B 202 20.36 -16.42 13.78
C ASP B 202 20.70 -16.37 15.28
N ASP B 203 21.87 -15.81 15.60
CA ASP B 203 22.34 -15.64 16.97
C ASP B 203 23.69 -14.96 16.93
N PRO B 204 24.13 -14.40 18.08
CA PRO B 204 25.42 -13.70 18.19
C PRO B 204 26.70 -14.50 17.90
N ALA B 205 26.66 -15.82 18.03
CA ALA B 205 27.86 -16.60 17.72
C ALA B 205 28.06 -16.69 16.20
N GLN B 206 26.97 -16.52 15.44
CA GLN B 206 26.96 -16.56 13.97
C GLN B 206 27.67 -15.33 13.41
N ALA B 207 27.25 -14.15 13.87
CA ALA B 207 27.86 -12.89 13.51
C ALA B 207 29.37 -12.82 13.87
N GLN B 208 29.74 -13.33 15.05
CA GLN B 208 31.15 -13.35 15.45
C GLN B 208 32.02 -14.25 14.57
N THR B 209 31.46 -15.39 14.17
CA THR B 209 32.17 -16.36 13.36
C THR B 209 32.38 -15.78 11.98
N ALA B 210 31.32 -15.19 11.43
CA ALA B 210 31.35 -14.50 10.18
C ALA B 210 32.49 -13.47 10.22
N MET B 211 32.56 -12.72 11.33
CA MET B 211 33.59 -11.70 11.51
C MET B 211 35.00 -12.27 11.42
N ALA B 212 35.24 -13.35 12.18
CA ALA B 212 36.56 -13.97 12.24
C ALA B 212 36.92 -14.55 10.86
N GLU B 213 35.95 -15.14 10.17
CA GLU B 213 36.17 -15.63 8.80
C GLU B 213 36.54 -14.53 7.75
N MET B 214 35.79 -13.44 7.76
CA MET B 214 35.96 -12.35 6.81
C MET B 214 37.34 -11.73 7.04
N SER B 215 37.70 -11.59 8.30
CA SER B 215 38.97 -11.03 8.68
C SER B 215 40.14 -11.95 8.29
N GLY B 216 40.00 -13.27 8.54
CA GLY B 216 40.94 -14.24 8.00
C GLY B 216 41.11 -14.06 6.47
N TYR B 217 40.00 -13.99 5.77
CA TYR B 217 40.02 -13.85 4.32
C TYR B 217 40.68 -12.55 3.84
N LEU B 218 40.44 -11.45 4.57
CA LEU B 218 40.98 -10.11 4.12
C LEU B 218 42.47 -10.10 4.34
N SER B 219 42.90 -10.73 5.43
CA SER B 219 44.35 -10.87 5.64
C SER B 219 45.04 -11.61 4.51
N ARG B 220 44.42 -12.65 3.98
CA ARG B 220 45.04 -13.42 2.89
C ARG B 220 44.96 -12.62 1.61
N LEU B 221 43.83 -11.94 1.40
CA LEU B 221 43.67 -11.13 0.21
C LEU B 221 44.75 -10.00 0.20
N ILE B 222 44.92 -9.34 1.36
CA ILE B 222 46.02 -8.35 1.55
C ILE B 222 47.36 -8.95 1.21
N ASP B 223 47.69 -10.09 1.85
CA ASP B 223 48.96 -10.73 1.57
C ASP B 223 49.15 -11.13 0.10
N SER B 224 48.07 -11.42 -0.64
CA SER B 224 48.15 -11.88 -2.05
C SER B 224 48.45 -10.74 -3.00
N LYS B 225 48.26 -9.50 -2.53
CA LYS B 225 48.59 -8.32 -3.35
C LYS B 225 50.10 -8.04 -3.36
N ARG B 226 50.81 -8.52 -2.32
CA ARG B 226 52.17 -8.02 -2.12
C ARG B 226 53.07 -8.45 -3.27
N GLY B 227 53.86 -7.55 -3.79
CA GLY B 227 54.78 -7.89 -4.90
C GLY B 227 54.03 -8.11 -6.23
N GLN B 228 52.71 -7.87 -6.30
CA GLN B 228 52.03 -8.15 -7.60
C GLN B 228 51.81 -6.94 -8.46
N ASP B 229 52.14 -5.73 -7.99
CA ASP B 229 52.00 -4.48 -8.80
C ASP B 229 50.55 -4.24 -9.25
N GLY B 230 49.58 -4.71 -8.48
CA GLY B 230 48.17 -4.34 -8.72
C GLY B 230 47.94 -2.82 -8.75
N GLU B 231 46.98 -2.36 -9.55
CA GLU B 231 46.63 -0.94 -9.58
C GLU B 231 45.33 -0.65 -8.83
N ASP B 232 44.69 -1.64 -8.21
CA ASP B 232 43.42 -1.40 -7.53
C ASP B 232 43.76 -0.70 -6.21
N LEU B 233 42.73 -0.28 -5.46
CA LEU B 233 42.95 0.45 -4.21
C LEU B 233 43.57 -0.38 -3.08
N LEU B 234 43.21 -1.65 -2.92
CA LEU B 234 43.83 -2.40 -1.85
C LEU B 234 45.33 -2.57 -2.12
N SER B 235 45.71 -2.82 -3.35
CA SER B 235 47.16 -2.91 -3.66
C SER B 235 47.90 -1.63 -3.29
N ALA B 236 47.31 -0.46 -3.62
CA ALA B 236 47.88 0.84 -3.27
C ALA B 236 48.01 0.95 -1.73
N LEU B 237 46.98 0.53 -1.02
CA LEU B 237 47.03 0.60 0.43
C LEU B 237 48.11 -0.34 0.98
N VAL B 238 48.16 -1.58 0.49
CA VAL B 238 49.22 -2.54 0.87
C VAL B 238 50.63 -1.95 0.68
N ARG B 239 50.92 -1.33 -0.49
CA ARG B 239 52.20 -0.62 -0.67
C ARG B 239 52.40 0.51 0.29
N THR B 240 51.36 1.30 0.57
CA THR B 240 51.51 2.37 1.57
C THR B 240 51.91 1.84 2.93
N SER B 241 51.23 0.80 3.41
CA SER B 241 51.53 0.21 4.71
C SER B 241 52.96 -0.40 4.73
N ASP B 242 53.33 -1.11 3.65
CA ASP B 242 54.67 -1.75 3.62
C ASP B 242 55.79 -0.71 3.57
N GLU B 243 55.54 0.44 2.89
CA GLU B 243 56.59 1.44 2.75
C GLU B 243 56.81 2.10 4.12
N ASP B 244 55.73 2.26 4.89
CA ASP B 244 55.87 2.96 6.21
C ASP B 244 54.71 2.56 7.12
N GLY B 245 55.04 1.67 8.03
CA GLY B 245 54.03 1.10 8.87
C GLY B 245 53.51 2.09 9.89
N SER B 246 54.15 3.27 10.05
CA SER B 246 53.62 4.31 10.99
C SER B 246 52.53 5.13 10.27
N ARG B 247 52.52 5.10 8.93
CA ARG B 247 51.50 5.83 8.21
C ARG B 247 50.15 5.00 8.10
N LEU B 248 50.30 3.69 7.98
CA LEU B 248 49.18 2.73 7.99
C LEU B 248 49.68 1.43 8.56
N THR B 249 49.20 1.08 9.75
CA THR B 249 49.71 -0.13 10.41
C THR B 249 49.04 -1.30 9.77
N SER B 250 49.59 -2.49 10.01
CA SER B 250 48.94 -3.67 9.43
C SER B 250 47.48 -3.90 9.98
N GLU B 251 47.21 -3.58 11.24
CA GLU B 251 45.81 -3.66 11.73
C GLU B 251 44.92 -2.64 11.05
N GLU B 252 45.47 -1.45 10.84
CA GLU B 252 44.69 -0.38 10.18
C GLU B 252 44.46 -0.74 8.74
N LEU B 253 45.42 -1.43 8.11
CA LEU B 253 45.24 -1.85 6.69
C LEU B 253 44.08 -2.84 6.63
N LEU B 254 44.07 -3.78 7.57
CA LEU B 254 42.93 -4.72 7.63
C LEU B 254 41.61 -3.99 7.91
N GLY B 255 41.64 -3.11 8.91
CA GLY B 255 40.42 -2.30 9.26
C GLY B 255 39.92 -1.48 8.09
N MET B 256 40.84 -0.90 7.34
CA MET B 256 40.48 -0.15 6.14
C MET B 256 39.81 -1.00 5.05
N ALA B 257 40.39 -2.14 4.72
CA ALA B 257 39.81 -3.00 3.68
C ALA B 257 38.42 -3.39 4.10
N HIS B 258 38.25 -3.73 5.38
CA HIS B 258 37.00 -4.20 5.86
C HIS B 258 35.92 -3.10 5.84
N ILE B 259 36.27 -1.92 6.35
CA ILE B 259 35.28 -0.82 6.42
C ILE B 259 34.82 -0.44 5.00
N LEU B 260 35.75 -0.33 4.06
CA LEU B 260 35.35 0.10 2.78
C LEU B 260 34.50 -0.95 2.01
N LEU B 261 34.74 -2.23 2.28
CA LEU B 261 34.00 -3.29 1.58
C LEU B 261 32.62 -3.46 2.19
N VAL B 262 32.60 -3.51 3.52
CA VAL B 262 31.33 -3.74 4.24
C VAL B 262 30.29 -2.64 4.17
N ALA B 263 30.75 -1.37 4.20
CA ALA B 263 29.86 -0.19 4.05
C ALA B 263 28.71 -0.27 3.06
N GLY B 264 28.96 -0.52 1.77
CA GLY B 264 27.88 -0.58 0.76
C GLY B 264 26.98 -1.82 0.81
N HIS B 265 27.54 -2.92 1.32
CA HIS B 265 26.76 -4.16 1.51
C HIS B 265 25.57 -3.94 2.37
N GLU B 266 25.70 -3.10 3.39
CA GLU B 266 24.60 -2.85 4.28
C GLU B 266 23.85 -1.56 3.93
N THR B 267 24.41 -0.76 3.05
CA THR B 267 23.77 0.53 2.87
C THR B 267 23.23 0.72 1.46
N THR B 268 24.08 0.76 0.44
CA THR B 268 23.61 1.08 -0.90
C THR B 268 22.55 0.03 -1.36
N VAL B 269 22.79 -1.23 -0.96
CA VAL B 269 21.86 -2.33 -1.26
C VAL B 269 20.48 -1.94 -0.75
N ASN B 270 20.44 -1.49 0.49
CA ASN B 270 19.17 -1.15 1.06
C ASN B 270 18.55 0.15 0.63
N LEU B 271 19.37 1.11 0.25
CA LEU B 271 18.82 2.30 -0.35
C LEU B 271 18.06 2.00 -1.66
N ILE B 272 18.65 1.17 -2.50
CA ILE B 272 18.07 0.87 -3.80
C ILE B 272 16.76 0.12 -3.56
N ALA B 273 16.76 -0.86 -2.65
CA ALA B 273 15.53 -1.66 -2.40
C ALA B 273 14.49 -0.87 -1.60
N ASN B 274 14.90 -0.20 -0.51
CA ASN B 274 13.99 0.62 0.29
C ASN B 274 13.37 1.73 -0.54
N GLY B 275 14.20 2.32 -1.40
CA GLY B 275 13.83 3.48 -2.19
C GLY B 275 12.88 3.06 -3.28
N MET B 276 13.18 1.96 -3.99
CA MET B 276 12.17 1.43 -4.91
C MET B 276 10.85 1.02 -4.25
N TYR B 277 10.90 0.47 -3.05
CA TYR B 277 9.69 0.11 -2.41
C TYR B 277 8.84 1.38 -2.12
N ALA B 278 9.49 2.45 -1.60
CA ALA B 278 8.86 3.74 -1.37
C ALA B 278 8.24 4.23 -2.67
N LEU B 279 9.00 4.13 -3.76
CA LEU B 279 8.47 4.65 -5.01
C LEU B 279 7.25 3.83 -5.54
N LEU B 280 7.34 2.51 -5.47
CA LEU B 280 6.28 1.63 -5.94
C LEU B 280 5.04 1.55 -5.02
N SER B 281 5.22 1.87 -3.77
CA SER B 281 4.14 1.95 -2.85
C SER B 281 3.51 3.36 -2.75
N HIS B 282 3.94 4.33 -3.57
CA HIS B 282 3.41 5.71 -3.65
C HIS B 282 3.24 6.01 -5.13
N PRO B 283 2.15 5.48 -5.73
CA PRO B 283 1.96 5.59 -7.17
C PRO B 283 1.89 7.00 -7.70
N ASP B 284 1.38 7.94 -6.92
CA ASP B 284 1.37 9.34 -7.35
C ASP B 284 2.81 9.85 -7.65
N GLN B 285 3.73 9.37 -6.84
CA GLN B 285 5.15 9.80 -6.90
C GLN B 285 5.82 9.04 -8.01
N LEU B 286 5.54 7.75 -8.15
CA LEU B 286 6.05 7.00 -9.30
C LEU B 286 5.59 7.64 -10.63
N ALA B 287 4.35 8.07 -10.61
CA ALA B 287 3.75 8.67 -11.75
C ALA B 287 4.45 9.97 -12.12
N ALA B 288 4.73 10.81 -11.13
CA ALA B 288 5.34 12.12 -11.32
C ALA B 288 6.76 11.97 -11.87
N LEU B 289 7.49 11.01 -11.30
CA LEU B 289 8.84 10.74 -11.73
C LEU B 289 8.93 10.18 -13.16
N ARG B 290 8.13 9.16 -13.51
CA ARG B 290 8.13 8.70 -14.92
CA ARG B 290 8.03 8.67 -14.91
C ARG B 290 7.74 9.80 -15.89
N ALA B 291 6.84 10.68 -15.49
CA ALA B 291 6.40 11.80 -16.32
C ALA B 291 7.45 12.90 -16.46
N ASP B 292 8.40 12.95 -15.51
CA ASP B 292 9.46 13.97 -15.53
C ASP B 292 10.76 13.46 -14.87
N MET B 293 11.64 12.87 -15.68
CA MET B 293 12.83 12.19 -15.15
C MET B 293 13.92 13.12 -14.63
N THR B 294 13.80 14.40 -14.92
CA THR B 294 14.64 15.41 -14.25
C THR B 294 14.39 15.47 -12.75
N LEU B 295 13.25 14.94 -12.28
CA LEU B 295 12.99 14.76 -10.87
C LEU B 295 13.87 13.72 -10.14
N LEU B 296 14.68 12.98 -10.86
CA LEU B 296 15.22 11.74 -10.34
C LEU B 296 16.22 11.99 -9.20
N ASP B 297 17.15 12.94 -9.39
CA ASP B 297 18.09 13.18 -8.24
C ASP B 297 17.34 13.52 -6.96
N GLY B 298 16.35 14.41 -7.06
CA GLY B 298 15.54 14.77 -5.91
C GLY B 298 14.82 13.56 -5.35
N ALA B 299 14.47 12.63 -6.22
CA ALA B 299 13.70 11.47 -5.74
C ALA B 299 14.60 10.57 -4.90
N VAL B 300 15.83 10.35 -5.41
CA VAL B 300 16.86 9.65 -4.60
C VAL B 300 17.13 10.29 -3.22
N GLU B 301 17.24 11.61 -3.17
CA GLU B 301 17.39 12.29 -1.89
C GLU B 301 16.19 12.01 -0.99
N GLU B 302 14.99 12.02 -1.57
CA GLU B 302 13.83 11.77 -0.70
C GLU B 302 13.76 10.31 -0.30
N MET B 303 14.28 9.35 -1.10
CA MET B 303 14.39 7.96 -0.61
C MET B 303 15.30 7.90 0.62
N LEU B 304 16.43 8.61 0.55
CA LEU B 304 17.32 8.74 1.72
C LEU B 304 16.65 9.34 2.96
N ARG B 305 15.91 10.42 2.77
CA ARG B 305 15.21 11.10 3.90
C ARG B 305 14.12 10.20 4.43
N TYR B 306 13.31 9.65 3.53
CA TYR B 306 12.13 8.90 3.99
C TYR B 306 12.41 7.50 4.48
N GLU B 307 13.25 6.80 3.73
CA GLU B 307 13.49 5.35 3.93
C GLU B 307 14.97 4.94 3.90
N GLY B 308 15.88 5.82 4.33
CA GLY B 308 17.29 5.53 4.23
C GLY B 308 17.63 4.28 5.00
N PRO B 309 18.69 3.58 4.57
CA PRO B 309 19.07 2.35 5.23
C PRO B 309 19.61 2.56 6.65
N VAL B 310 20.21 3.70 6.98
CA VAL B 310 20.80 3.79 8.36
C VAL B 310 19.79 4.40 9.32
N GLU B 311 19.15 3.57 10.12
CA GLU B 311 18.07 4.02 11.00
C GLU B 311 18.63 4.74 12.25
N SER B 312 19.74 4.20 12.72
CA SER B 312 20.51 4.71 13.85
C SER B 312 21.98 4.71 13.49
N ALA B 313 22.66 5.77 13.88
CA ALA B 313 24.05 5.92 13.55
C ALA B 313 24.90 4.99 14.42
N THR B 314 26.18 4.86 14.08
CA THR B 314 27.03 3.88 14.79
C THR B 314 27.39 4.44 16.18
N TYR B 315 27.93 3.59 17.02
CA TYR B 315 28.04 3.82 18.48
C TYR B 315 28.86 5.05 18.76
N ARG B 316 28.31 5.90 19.62
CA ARG B 316 29.09 6.99 20.24
C ARG B 316 29.24 6.85 21.75
N PHE B 317 30.33 7.36 22.31
CA PHE B 317 30.59 7.18 23.74
C PHE B 317 30.95 8.53 24.35
N PRO B 318 30.18 9.05 25.32
CA PRO B 318 30.62 10.34 25.96
C PRO B 318 32.04 10.17 26.56
N VAL B 319 32.96 11.04 26.21
CA VAL B 319 34.30 11.00 26.81
C VAL B 319 34.16 11.26 28.31
N GLU B 320 33.42 12.31 28.67
CA GLU B 320 33.06 12.64 30.03
C GLU B 320 31.56 12.70 30.09
N PRO B 321 30.95 12.80 31.30
CA PRO B 321 29.49 12.91 31.36
C PRO B 321 29.00 14.09 30.50
N VAL B 322 27.86 13.91 29.82
CA VAL B 322 27.27 14.93 29.00
C VAL B 322 25.85 15.16 29.49
N ASP B 323 25.54 16.43 29.68
CA ASP B 323 24.21 16.85 30.15
C ASP B 323 23.42 17.30 28.90
N LEU B 324 22.42 16.53 28.49
CA LEU B 324 21.60 16.94 27.32
C LEU B 324 20.22 17.37 27.83
N ASP B 325 19.96 18.69 27.76
CA ASP B 325 18.71 19.30 28.32
C ASP B 325 18.34 18.69 29.68
N GLY B 326 19.26 18.69 30.64
CA GLY B 326 18.99 18.08 31.95
C GLY B 326 19.10 16.57 32.13
N THR B 327 19.30 15.81 31.04
CA THR B 327 19.49 14.35 31.16
C THR B 327 20.97 14.08 31.12
N VAL B 328 21.48 13.41 32.16
CA VAL B 328 22.91 13.20 32.31
C VAL B 328 23.19 11.84 31.67
N ILE B 329 24.05 11.83 30.67
CA ILE B 329 24.45 10.58 30.03
C ILE B 329 25.85 10.30 30.51
N PRO B 330 26.05 9.18 31.26
CA PRO B 330 27.34 8.85 31.84
C PRO B 330 28.47 8.64 30.80
N ALA B 331 29.69 8.95 31.19
CA ALA B 331 30.92 8.66 30.48
C ALA B 331 30.94 7.19 30.12
N GLY B 332 31.18 6.91 28.86
CA GLY B 332 31.43 5.52 28.46
C GLY B 332 30.19 4.75 28.06
N ASP B 333 28.97 5.28 28.30
CA ASP B 333 27.77 4.56 27.87
C ASP B 333 27.64 4.56 26.34
N THR B 334 26.79 3.70 25.77
CA THR B 334 26.64 3.65 24.30
C THR B 334 25.53 4.58 23.91
N VAL B 335 25.78 5.43 22.92
CA VAL B 335 24.78 6.37 22.45
C VAL B 335 24.45 6.18 20.96
N LEU B 336 23.16 5.98 20.66
CA LEU B 336 22.69 5.82 19.30
C LEU B 336 21.92 7.02 18.87
N VAL B 337 22.40 7.68 17.83
CA VAL B 337 21.65 8.77 17.24
C VAL B 337 20.63 8.19 16.25
N VAL B 338 19.34 8.52 16.48
CA VAL B 338 18.27 7.92 15.70
C VAL B 338 17.93 8.76 14.51
N LEU B 339 18.64 8.55 13.42
CA LEU B 339 18.47 9.32 12.19
C LEU B 339 17.04 9.24 11.65
N ALA B 340 16.46 8.04 11.76
CA ALA B 340 15.10 7.79 11.29
C ALA B 340 14.13 8.75 11.99
N ASP B 341 14.30 9.00 13.29
CA ASP B 341 13.46 9.99 13.98
C ASP B 341 13.73 11.47 13.63
N ALA B 342 15.01 11.80 13.44
CA ALA B 342 15.42 13.11 12.93
C ALA B 342 14.68 13.40 11.64
N HIS B 343 14.58 12.41 10.75
CA HIS B 343 13.97 12.61 9.41
C HIS B 343 12.43 12.75 9.45
N ARG B 344 11.84 12.46 10.63
CA ARG B 344 10.38 12.55 10.81
C ARG B 344 9.99 13.68 11.74
N THR B 345 10.94 14.58 12.05
CA THR B 345 10.70 15.77 12.89
C THR B 345 9.96 16.79 12.09
N PRO B 346 8.67 17.08 12.46
CA PRO B 346 7.82 17.89 11.54
C PRO B 346 8.30 19.31 11.41
N GLU B 347 8.91 19.83 12.48
CA GLU B 347 9.49 21.16 12.45
C GLU B 347 10.53 21.30 11.37
N ARG B 348 11.22 20.20 11.05
CA ARG B 348 12.29 20.28 10.03
C ARG B 348 11.85 19.75 8.67
N PHE B 349 11.08 18.66 8.66
CA PHE B 349 10.55 18.17 7.38
C PHE B 349 9.00 18.20 7.45
N PRO B 350 8.36 19.27 7.01
CA PRO B 350 6.89 19.32 7.17
C PRO B 350 6.16 18.11 6.50
N ASP B 351 5.11 17.63 7.17
CA ASP B 351 4.37 16.49 6.67
C ASP B 351 5.34 15.33 6.48
N PRO B 352 6.06 14.97 7.56
CA PRO B 352 7.21 14.06 7.50
C PRO B 352 6.85 12.65 7.07
N HIS B 353 5.60 12.21 7.28
CA HIS B 353 5.21 10.88 6.82
C HIS B 353 4.83 10.85 5.37
N ARG B 354 4.84 11.97 4.68
CA ARG B 354 4.57 11.99 3.26
C ARG B 354 5.84 11.70 2.46
N PHE B 355 5.84 10.72 1.57
CA PHE B 355 6.97 10.57 0.60
C PHE B 355 6.65 11.55 -0.52
N ASP B 356 7.44 12.65 -0.64
CA ASP B 356 7.32 13.67 -1.72
C ASP B 356 8.67 13.92 -2.39
N ILE B 357 8.81 13.52 -3.65
CA ILE B 357 10.11 13.54 -4.29
C ILE B 357 10.49 14.97 -4.63
N ARG B 358 9.53 15.87 -4.50
CA ARG B 358 9.81 17.29 -4.76
C ARG B 358 10.08 18.09 -3.46
N ARG B 359 10.03 17.46 -2.29
CA ARG B 359 10.22 18.24 -1.08
C ARG B 359 11.68 18.75 -0.98
N ASP B 360 11.86 19.74 -0.13
CA ASP B 360 13.20 20.18 0.24
C ASP B 360 13.83 19.13 1.19
N THR B 361 14.84 18.44 0.64
CA THR B 361 15.51 17.38 1.45
C THR B 361 16.84 17.93 2.09
N ALA B 362 17.19 19.17 1.76
CA ALA B 362 18.48 19.71 2.24
C ALA B 362 18.65 19.51 3.74
N GLY B 363 19.85 19.07 4.12
CA GLY B 363 20.22 18.79 5.53
C GLY B 363 19.68 17.53 6.16
N HIS B 364 19.28 16.56 5.36
CA HIS B 364 19.01 15.25 5.92
C HIS B 364 20.30 14.60 6.43
N LEU B 365 20.14 13.59 7.29
CA LEU B 365 21.29 13.01 8.02
C LEU B 365 21.59 11.58 7.61
N ALA B 366 21.04 11.18 6.45
CA ALA B 366 21.18 9.78 5.97
C ALA B 366 22.67 9.39 5.81
N PHE B 367 23.52 10.36 5.52
CA PHE B 367 24.99 10.09 5.40
C PHE B 367 25.77 10.58 6.61
N GLY B 368 25.04 11.04 7.61
CA GLY B 368 25.64 11.50 8.84
C GLY B 368 25.91 12.97 8.73
N HIS B 369 26.87 13.45 9.55
CA HIS B 369 27.17 14.86 9.70
C HIS B 369 28.40 15.04 10.56
N GLY B 370 29.27 15.94 10.13
CA GLY B 370 30.47 16.28 10.97
C GLY B 370 31.64 15.47 10.41
N ILE B 371 32.67 15.22 11.22
CA ILE B 371 33.91 14.72 10.57
C ILE B 371 33.73 13.24 10.08
N HIS B 372 32.77 12.47 10.62
CA HIS B 372 32.44 11.14 10.10
C HIS B 372 31.44 11.05 8.93
N PHE B 373 31.07 12.19 8.33
CA PHE B 373 30.17 12.19 7.17
C PHE B 373 30.63 11.19 6.14
N CYS B 374 29.67 10.36 5.68
CA CYS B 374 29.93 9.31 4.69
C CYS B 374 30.94 9.66 3.60
N ILE B 375 32.07 8.96 3.56
CA ILE B 375 33.01 9.16 2.45
C ILE B 375 32.50 8.55 1.12
N GLY B 376 31.57 7.60 1.19
CA GLY B 376 31.10 7.00 -0.03
C GLY B 376 29.89 7.67 -0.64
N ALA B 377 29.49 8.83 -0.13
CA ALA B 377 28.17 9.38 -0.53
C ALA B 377 28.09 9.61 -2.06
N PRO B 378 29.17 10.15 -2.67
CA PRO B 378 29.11 10.33 -4.12
C PRO B 378 28.96 8.99 -4.89
N LEU B 379 29.65 7.96 -4.40
CA LEU B 379 29.61 6.66 -5.07
C LEU B 379 28.17 6.07 -4.94
N ALA B 380 27.62 6.17 -3.74
CA ALA B 380 26.31 5.69 -3.43
C ALA B 380 25.22 6.37 -4.30
N ARG B 381 25.31 7.70 -4.39
CA ARG B 381 24.37 8.48 -5.16
C ARG B 381 24.53 8.06 -6.64
N LEU B 382 25.75 7.93 -7.12
CA LEU B 382 25.96 7.57 -8.54
C LEU B 382 25.22 6.24 -8.80
N GLU B 383 25.47 5.23 -7.96
CA GLU B 383 24.94 3.89 -8.14
C GLU B 383 23.39 3.90 -8.06
N ALA B 384 22.84 4.52 -7.02
CA ALA B 384 21.41 4.55 -6.83
C ALA B 384 20.73 5.28 -7.99
N ARG B 385 21.34 6.35 -8.47
CA ARG B 385 20.70 7.20 -9.49
C ARG B 385 20.64 6.42 -10.80
N ILE B 386 21.72 5.75 -11.15
CA ILE B 386 21.77 4.95 -12.39
C ILE B 386 20.81 3.73 -12.29
N ALA B 387 20.84 3.02 -11.15
CA ALA B 387 19.90 1.91 -10.93
C ALA B 387 18.40 2.32 -11.03
N VAL B 388 18.05 3.43 -10.42
CA VAL B 388 16.64 3.88 -10.39
C VAL B 388 16.17 4.24 -11.77
N ARG B 389 16.94 5.05 -12.49
CA ARG B 389 16.62 5.48 -13.81
C ARG B 389 16.47 4.26 -14.70
N ALA B 390 17.34 3.26 -14.48
CA ALA B 390 17.34 2.11 -15.41
C ALA B 390 16.05 1.34 -15.27
N LEU B 391 15.60 1.08 -14.03
CA LEU B 391 14.39 0.34 -13.76
C LEU B 391 13.18 1.06 -14.35
N LEU B 392 13.17 2.38 -14.20
CA LEU B 392 12.01 3.13 -14.55
C LEU B 392 11.93 3.21 -16.04
N GLU B 393 13.09 3.33 -16.67
CA GLU B 393 13.12 3.47 -18.13
C GLU B 393 12.95 2.11 -18.84
N ARG B 394 13.28 1.01 -18.19
CA ARG B 394 13.41 -0.24 -18.92
C ARG B 394 12.39 -1.29 -18.57
N CYS B 395 11.66 -1.09 -17.45
CA CYS B 395 10.64 -2.01 -17.01
C CYS B 395 9.33 -1.32 -17.24
N PRO B 396 8.68 -1.67 -18.37
CA PRO B 396 7.38 -1.10 -18.66
C PRO B 396 6.43 -1.48 -17.56
N ASP B 397 5.72 -0.48 -17.00
CA ASP B 397 4.67 -0.69 -16.00
C ASP B 397 5.16 -1.40 -14.75
N LEU B 398 6.43 -1.22 -14.39
CA LEU B 398 6.95 -1.81 -13.16
C LEU B 398 6.02 -1.65 -11.95
N ALA B 399 5.88 -2.69 -11.15
CA ALA B 399 5.11 -2.62 -9.94
C ALA B 399 5.52 -3.69 -8.95
N LEU B 400 5.04 -3.54 -7.71
CA LEU B 400 5.32 -4.48 -6.68
C LEU B 400 4.59 -5.76 -7.00
N ASP B 401 5.15 -6.87 -6.56
CA ASP B 401 4.54 -8.14 -6.83
C ASP B 401 4.36 -8.93 -5.55
N VAL B 402 3.84 -8.23 -4.56
CA VAL B 402 3.26 -8.84 -3.37
C VAL B 402 2.56 -7.67 -2.69
N SER B 403 1.70 -7.93 -1.70
CA SER B 403 1.18 -6.85 -0.87
C SER B 403 2.25 -6.44 0.17
N PRO B 404 2.25 -5.15 0.60
CA PRO B 404 3.07 -4.69 1.72
C PRO B 404 3.18 -5.66 2.89
N GLY B 405 2.07 -6.31 3.28
CA GLY B 405 2.04 -7.21 4.47
C GLY B 405 2.81 -8.51 4.38
N GLU B 406 3.22 -8.89 3.17
CA GLU B 406 4.08 -10.07 2.98
C GLU B 406 5.59 -9.75 2.98
N LEU B 407 5.95 -8.46 2.90
CA LEU B 407 7.36 -8.04 3.04
C LEU B 407 7.98 -8.31 4.42
N VAL B 408 9.22 -8.79 4.42
CA VAL B 408 9.98 -9.09 5.66
C VAL B 408 11.13 -8.10 5.90
N TRP B 409 10.99 -7.24 6.91
CA TRP B 409 12.05 -6.32 7.25
C TRP B 409 12.97 -7.00 8.23
N TYR B 410 14.29 -6.91 8.01
CA TYR B 410 15.25 -7.53 8.94
C TYR B 410 14.93 -7.10 10.35
N PRO B 411 14.95 -8.04 11.30
CA PRO B 411 14.70 -7.58 12.66
C PRO B 411 15.95 -6.89 13.24
N ASN B 412 16.39 -5.81 12.60
CA ASN B 412 17.67 -5.12 12.96
C ASN B 412 17.52 -3.74 13.65
N PRO B 413 18.52 -3.34 14.48
CA PRO B 413 18.42 -1.99 15.13
C PRO B 413 18.94 -0.79 14.29
N MET B 414 20.22 -0.90 13.89
N MET B 414 20.19 -0.89 13.84
CA MET B 414 20.92 0.08 13.10
CA MET B 414 20.84 0.17 13.11
C MET B 414 20.30 0.26 11.71
C MET B 414 20.30 0.28 11.68
N ILE B 415 19.85 -0.83 11.10
CA ILE B 415 19.67 -0.92 9.66
C ILE B 415 18.29 -1.30 9.19
N ARG B 416 17.80 -0.51 8.25
CA ARG B 416 16.43 -0.62 7.71
C ARG B 416 16.52 -1.25 6.35
N GLY B 417 16.06 -2.49 6.23
CA GLY B 417 16.10 -3.14 4.95
C GLY B 417 15.20 -4.36 4.84
N LEU B 418 15.05 -4.86 3.64
CA LEU B 418 14.14 -5.98 3.30
C LEU B 418 14.92 -7.21 3.01
N LYS B 419 14.38 -8.37 3.34
CA LYS B 419 15.04 -9.63 2.88
C LYS B 419 14.84 -9.89 1.41
N ALA B 420 13.66 -9.54 0.92
CA ALA B 420 13.41 -9.55 -0.52
C ALA B 420 12.40 -8.50 -0.95
N LEU B 421 12.40 -8.24 -2.23
CA LEU B 421 11.53 -7.23 -2.79
C LEU B 421 10.98 -7.72 -4.16
N PRO B 422 9.90 -8.55 -4.11
CA PRO B 422 9.30 -9.05 -5.38
C PRO B 422 8.73 -7.94 -6.29
N ILE B 423 9.14 -7.93 -7.54
CA ILE B 423 8.61 -6.99 -8.49
C ILE B 423 8.12 -7.76 -9.70
N ARG B 424 7.36 -7.07 -10.57
CA ARG B 424 6.82 -7.58 -11.83
C ARG B 424 6.70 -6.39 -12.77
N TRP B 425 6.86 -6.65 -14.07
CA TRP B 425 6.76 -5.66 -15.13
C TRP B 425 6.01 -6.30 -16.34
N ARG B 426 5.85 -5.58 -17.45
CA ARG B 426 5.09 -6.07 -18.60
C ARG B 426 5.92 -6.72 -19.74
N ARG B 427 5.63 -8.01 -19.98
CA ARG B 427 6.28 -8.90 -20.98
C ARG B 427 6.31 -8.39 -22.42
#